data_8T57
#
_entry.id   8T57
#
loop_
_entity.id
_entity.type
_entity.pdbx_description
1 polymer 'CSC1-like protein HYP1'
2 non-polymer CHOLESTEROL
3 non-polymer 'PALMITIC ACID'
#
_entity_poly.entity_id   1
_entity_poly.type   'polypeptide(L)'
_entity_poly.pdbx_seq_one_letter_code
;MLLSALLTSVGINLGLCFLFFTLYSILRKQPSNVTVYGPRLVKKDGKSQQSNEFNLERLLPTAGWVKRALEPTNDEILSN
LGLDALVFIRVFVFSIRVFSFASVVGIFILLPVNYMGTEFEEFFDLPKKSMDNFSISNVNDGSNKLWIHFCAIYIFTAVV
CSLLYYEHKYILTKRIAHLYSSKPQPQEFTVLVSGVPLVSGNSISETVENFFREYHSSSYLSHIVVHRTDKLKVLMNDAE
KLYKKLTRVKSGSISRQKSRWGGFLGMFGNNVDVVDHYQKKLDKLEDDMRLKQSLLAGEEVPAAFVSFRTRHGAAIATNI
QQGIDPTQWLTEAAPEPEDVHWPFFTASFVRRWISNVVVLVAFVALLILYIVPVVLVQGLANLHQLETWFPFLKGILNMK
IVSQVITGYLPSLIFQLFLLIVPPIMLLLSSMQGFISHSQIEKSACIKLLIFTVWNSFFANVLSGSALYRVNVFLEPKTI
PRVLAAAVPAQASFFVSYVVTSGWTGLSSEILRLVPLLWSFITKLFGKEDDKEFEVPSTPFCQEIPRILFFGLLGITYFF
LSPLILPFLLVYYCLGYIIYRNQLLNVYAAKYETGGKFWPIVHSYTIFSLVLMHIIAVGLFGLKELPVASSLTIPLPVLT
VLFSIYCQRRFLPNFKSYPTQCLVNKDKADEREQNMSEFYSELVVAYRDPALSASQDSRDISPGTGTLEVLFQ
;
_entity_poly.pdbx_strand_id   A,B
#
loop_
_chem_comp.id
_chem_comp.type
_chem_comp.name
_chem_comp.formula
CLR non-polymer CHOLESTEROL 'C27 H46 O'
PLM non-polymer 'PALMITIC ACID' 'C16 H32 O2'
#
# COMPACT_ATOMS: atom_id res chain seq x y z
N LEU A 2 26.62 20.86 34.43
CA LEU A 2 25.44 21.11 33.61
C LEU A 2 24.09 20.92 34.34
N LEU A 3 23.93 19.97 35.32
CA LEU A 3 22.58 19.76 35.93
C LEU A 3 22.05 20.99 36.62
N SER A 4 22.92 21.78 37.24
CA SER A 4 22.44 22.97 37.88
C SER A 4 22.00 24.02 36.87
N ALA A 5 22.53 23.97 35.64
CA ALA A 5 22.16 24.92 34.62
C ALA A 5 20.79 24.55 34.10
N LEU A 6 20.54 23.25 34.01
CA LEU A 6 19.25 22.78 33.54
C LEU A 6 18.19 23.10 34.56
N LEU A 7 18.53 22.98 35.84
CA LEU A 7 17.56 23.31 36.86
C LEU A 7 17.30 24.81 36.84
N THR A 8 18.34 25.61 36.56
CA THR A 8 18.17 27.05 36.45
C THR A 8 17.23 27.38 35.31
N SER A 9 17.40 26.72 34.16
CA SER A 9 16.55 26.95 33.01
C SER A 9 15.11 26.66 33.36
N VAL A 10 14.88 25.57 34.09
CA VAL A 10 13.52 25.26 34.46
C VAL A 10 12.96 26.37 35.33
N GLY A 11 13.75 26.85 36.30
CA GLY A 11 13.29 27.94 37.16
C GLY A 11 12.98 29.20 36.37
N ILE A 12 13.76 29.48 35.33
CA ILE A 12 13.53 30.64 34.50
C ILE A 12 12.23 30.47 33.78
N ASN A 13 11.99 29.28 33.23
CA ASN A 13 10.75 29.08 32.50
C ASN A 13 9.55 29.19 33.41
N LEU A 14 9.67 28.77 34.66
CA LEU A 14 8.56 28.92 35.57
C LEU A 14 8.32 30.40 35.85
N GLY A 15 9.40 31.16 35.98
CA GLY A 15 9.29 32.59 36.20
C GLY A 15 8.62 33.27 35.02
N LEU A 16 8.98 32.84 33.79
CA LEU A 16 8.41 33.42 32.61
C LEU A 16 6.94 33.14 32.55
N CYS A 17 6.53 31.93 32.94
CA CYS A 17 5.11 31.62 32.92
C CYS A 17 4.33 32.69 33.66
N PHE A 18 4.77 33.01 34.87
CA PHE A 18 4.03 33.97 35.67
C PHE A 18 4.12 35.39 35.15
N LEU A 19 5.25 35.75 34.56
CA LEU A 19 5.35 37.09 34.00
C LEU A 19 4.37 37.23 32.85
N PHE A 20 4.22 36.18 32.04
CA PHE A 20 3.30 36.24 30.93
C PHE A 20 1.85 36.27 31.38
N PHE A 21 1.52 35.54 32.45
CA PHE A 21 0.15 35.58 32.95
C PHE A 21 -0.17 37.00 33.44
N THR A 22 0.80 37.64 34.10
CA THR A 22 0.62 38.99 34.59
C THR A 22 0.39 39.94 33.43
N LEU A 23 1.19 39.83 32.38
CA LEU A 23 1.02 40.73 31.25
C LEU A 23 -0.31 40.54 30.57
N TYR A 24 -0.76 39.29 30.47
CA TYR A 24 -2.03 38.97 29.84
C TYR A 24 -3.16 39.76 30.47
N SER A 25 -3.19 39.79 31.81
CA SER A 25 -4.25 40.47 32.57
C SER A 25 -4.30 42.02 32.43
N ILE A 26 -3.22 42.66 31.88
CA ILE A 26 -3.06 44.10 31.71
C ILE A 26 -3.63 44.45 30.34
N TRP A 65 -10.15 23.17 40.80
CA TRP A 65 -10.41 22.66 39.45
C TRP A 65 -9.95 21.23 39.20
N VAL A 66 -9.04 20.66 40.02
CA VAL A 66 -8.49 19.31 39.80
C VAL A 66 -9.52 18.21 40.05
N LYS A 67 -10.21 18.26 41.18
CA LYS A 67 -11.21 17.22 41.44
C LYS A 67 -12.30 17.25 40.40
N ARG A 68 -12.65 18.45 39.94
CA ARG A 68 -13.70 18.62 38.95
C ARG A 68 -13.32 18.09 37.57
N ALA A 69 -12.03 17.86 37.35
CA ALA A 69 -11.53 17.36 36.10
C ALA A 69 -11.35 15.86 36.17
N LEU A 70 -10.86 15.37 37.30
CA LEU A 70 -10.52 13.96 37.46
C LEU A 70 -11.61 13.02 37.93
N GLU A 71 -12.59 13.49 38.66
CA GLU A 71 -13.61 12.58 39.16
C GLU A 71 -14.44 11.80 38.11
N PRO A 72 -14.89 12.38 36.98
CA PRO A 72 -15.69 11.68 35.98
C PRO A 72 -14.97 10.46 35.42
N THR A 73 -15.68 9.37 35.23
CA THR A 73 -15.02 8.20 34.67
C THR A 73 -15.07 8.19 33.15
N ASN A 74 -14.43 7.22 32.52
CA ASN A 74 -14.40 7.19 31.07
C ASN A 74 -15.74 6.97 30.42
N ASP A 75 -16.65 6.34 31.13
CA ASP A 75 -18.00 6.15 30.61
C ASP A 75 -18.72 7.48 30.58
N GLU A 76 -18.36 8.40 31.49
CA GLU A 76 -19.00 9.70 31.53
C GLU A 76 -18.44 10.51 30.40
N ILE A 77 -17.17 10.28 30.07
CA ILE A 77 -16.56 10.98 28.97
C ILE A 77 -17.21 10.51 27.68
N LEU A 78 -17.41 9.21 27.51
CA LEU A 78 -18.02 8.74 26.29
C LEU A 78 -19.45 9.27 26.13
N SER A 79 -20.22 9.28 27.23
CA SER A 79 -21.58 9.78 27.14
C SER A 79 -21.68 11.30 26.99
N ASN A 80 -20.80 12.05 27.64
CA ASN A 80 -20.88 13.50 27.60
C ASN A 80 -20.10 14.17 26.47
N LEU A 81 -18.91 13.68 26.19
CA LEU A 81 -18.07 14.31 25.19
C LEU A 81 -17.96 13.50 23.90
N GLY A 82 -17.91 12.18 24.02
CA GLY A 82 -17.80 11.29 22.86
C GLY A 82 -16.44 10.63 22.69
N LEU A 83 -16.31 9.87 21.61
CA LEU A 83 -15.11 9.10 21.32
C LEU A 83 -13.89 9.90 21.01
N ASP A 84 -13.99 11.11 20.51
CA ASP A 84 -12.74 11.76 20.21
C ASP A 84 -12.16 12.25 21.49
N ALA A 85 -13.01 12.74 22.38
CA ALA A 85 -12.56 13.18 23.68
C ALA A 85 -12.00 12.02 24.44
N LEU A 86 -12.62 10.86 24.30
CA LEU A 86 -12.15 9.68 25.00
C LEU A 86 -10.82 9.24 24.49
N VAL A 87 -10.61 9.25 23.18
CA VAL A 87 -9.32 8.86 22.67
C VAL A 87 -8.28 9.82 23.14
N PHE A 88 -8.56 11.10 23.10
CA PHE A 88 -7.59 12.11 23.51
C PHE A 88 -7.15 11.82 24.93
N ILE A 89 -8.10 11.54 25.80
CA ILE A 89 -7.79 11.22 27.17
C ILE A 89 -7.00 9.92 27.26
N ARG A 90 -7.38 8.90 26.50
CA ARG A 90 -6.63 7.64 26.52
C ARG A 90 -5.23 7.80 25.96
N VAL A 91 -5.00 8.75 25.07
CA VAL A 91 -3.65 8.96 24.60
C VAL A 91 -2.86 9.44 25.79
N PHE A 92 -3.42 10.35 26.58
CA PHE A 92 -2.71 10.77 27.78
C PHE A 92 -2.52 9.63 28.76
N VAL A 93 -3.51 8.76 28.93
CA VAL A 93 -3.35 7.66 29.86
C VAL A 93 -2.26 6.72 29.39
N PHE A 94 -2.23 6.42 28.09
CA PHE A 94 -1.22 5.58 27.50
C PHE A 94 0.13 6.17 27.77
N SER A 95 0.29 7.46 27.50
CA SER A 95 1.57 8.09 27.74
C SER A 95 1.93 8.08 29.21
N ILE A 96 0.98 8.25 30.10
CA ILE A 96 1.32 8.19 31.50
C ILE A 96 1.79 6.79 31.84
N ARG A 97 1.12 5.74 31.39
CA ARG A 97 1.57 4.39 31.69
C ARG A 97 2.92 4.04 31.07
N VAL A 98 3.16 4.48 29.85
CA VAL A 98 4.41 4.20 29.17
C VAL A 98 5.52 4.87 29.89
N PHE A 99 5.32 6.11 30.29
CA PHE A 99 6.40 6.80 30.93
C PHE A 99 6.42 6.62 32.42
N SER A 100 5.37 6.12 33.04
CA SER A 100 5.52 5.81 34.45
C SER A 100 6.41 4.60 34.51
N PHE A 101 6.21 3.65 33.59
CA PHE A 101 7.05 2.47 33.55
C PHE A 101 8.47 2.86 33.19
N ALA A 102 8.63 3.60 32.09
CA ALA A 102 9.94 4.00 31.64
C ALA A 102 10.66 4.82 32.65
N SER A 103 9.94 5.69 33.35
CA SER A 103 10.55 6.54 34.33
C SER A 103 11.05 5.69 35.46
N VAL A 104 10.28 4.72 35.93
CA VAL A 104 10.77 3.89 37.02
C VAL A 104 11.96 3.06 36.63
N VAL A 105 11.93 2.42 35.47
CA VAL A 105 13.08 1.61 35.07
C VAL A 105 14.25 2.51 34.74
N GLY A 106 13.98 3.55 33.98
CA GLY A 106 14.98 4.49 33.56
C GLY A 106 15.69 5.08 34.74
N ILE A 107 14.95 5.61 35.70
CA ILE A 107 15.47 6.25 36.88
C ILE A 107 16.06 5.31 37.95
N PHE A 108 15.45 4.15 38.22
CA PHE A 108 16.04 3.35 39.27
C PHE A 108 16.88 2.16 38.81
N ILE A 109 16.77 1.73 37.57
CA ILE A 109 17.56 0.61 37.10
C ILE A 109 18.67 1.02 36.15
N LEU A 110 18.34 1.79 35.12
CA LEU A 110 19.34 2.15 34.13
C LEU A 110 20.14 3.36 34.53
N LEU A 111 19.50 4.34 35.12
CA LEU A 111 20.17 5.56 35.51
C LEU A 111 21.42 5.28 36.35
N PRO A 112 21.41 4.44 37.41
CA PRO A 112 22.58 4.10 38.19
C PRO A 112 23.63 3.29 37.43
N VAL A 113 23.27 2.69 36.31
CA VAL A 113 24.20 1.91 35.49
C VAL A 113 24.93 2.90 34.67
N ASN A 114 24.16 3.83 34.11
CA ASN A 114 24.73 4.90 33.31
C ASN A 114 25.67 5.74 34.18
N TYR A 115 25.31 5.96 35.46
CA TYR A 115 26.05 6.68 36.46
C TYR A 115 26.73 5.62 37.31
N LYS A 129 28.70 17.22 38.14
CA LYS A 129 27.56 16.40 37.76
C LYS A 129 26.82 17.04 36.57
N SER A 130 27.26 16.72 35.34
CA SER A 130 26.63 17.14 34.09
C SER A 130 25.49 16.19 33.75
N MET A 131 24.59 16.58 32.84
CA MET A 131 23.50 15.71 32.46
C MET A 131 24.03 14.46 31.80
N ASP A 132 25.14 14.59 31.11
CA ASP A 132 25.77 13.54 30.35
C ASP A 132 26.19 12.37 31.21
N ASN A 133 26.41 12.58 32.49
CA ASN A 133 26.92 11.51 33.31
C ASN A 133 25.83 10.55 33.69
N PHE A 134 24.62 10.87 33.30
CA PHE A 134 23.49 10.05 33.58
C PHE A 134 22.97 9.36 32.35
N SER A 135 23.69 9.54 31.23
CA SER A 135 23.28 8.97 29.95
C SER A 135 24.05 7.71 29.64
N ILE A 136 23.59 7.00 28.63
CA ILE A 136 24.19 5.76 28.15
C ILE A 136 25.58 6.00 27.62
N SER A 137 25.87 7.23 27.28
CA SER A 137 27.16 7.62 26.75
C SER A 137 28.24 7.55 27.82
N ASN A 138 27.85 7.39 29.08
CA ASN A 138 28.79 7.29 30.18
C ASN A 138 29.08 5.84 30.54
N VAL A 139 28.59 4.89 29.74
CA VAL A 139 28.82 3.48 29.96
C VAL A 139 30.09 3.07 29.22
N ASN A 140 30.98 2.35 29.87
CA ASN A 140 32.22 1.95 29.20
C ASN A 140 31.97 1.14 27.95
N ASP A 141 32.75 1.43 26.92
CA ASP A 141 32.64 0.70 25.67
C ASP A 141 32.91 -0.76 25.92
N GLY A 142 32.08 -1.61 25.35
CA GLY A 142 32.24 -3.05 25.49
C GLY A 142 31.72 -3.58 26.82
N SER A 143 31.14 -2.73 27.65
CA SER A 143 30.67 -3.14 28.96
C SER A 143 29.54 -4.14 28.92
N ASN A 144 29.54 -5.06 29.88
CA ASN A 144 28.48 -6.05 29.95
C ASN A 144 27.22 -5.48 30.58
N LYS A 145 27.30 -4.24 31.03
CA LYS A 145 26.17 -3.59 31.63
C LYS A 145 25.24 -3.12 30.53
N LEU A 146 25.73 -3.14 29.31
CA LEU A 146 24.95 -2.77 28.19
C LEU A 146 23.93 -3.85 27.92
N TRP A 147 24.08 -5.03 28.54
CA TRP A 147 23.10 -6.07 28.36
C TRP A 147 21.87 -5.76 29.20
N ILE A 148 21.99 -4.81 30.13
CA ILE A 148 20.89 -4.39 30.98
C ILE A 148 20.06 -3.51 30.11
N HIS A 149 20.75 -2.63 29.36
CA HIS A 149 20.06 -1.74 28.44
C HIS A 149 19.42 -2.57 27.36
N PHE A 150 20.10 -3.63 26.95
CA PHE A 150 19.57 -4.55 25.97
C PHE A 150 18.32 -5.20 26.50
N CYS A 151 18.35 -5.72 27.72
CA CYS A 151 17.13 -6.35 28.18
C CYS A 151 16.02 -5.33 28.27
N ALA A 152 16.35 -4.13 28.75
CA ALA A 152 15.40 -3.07 28.89
C ALA A 152 14.82 -2.65 27.57
N ILE A 153 15.57 -2.73 26.47
CA ILE A 153 15.00 -2.29 25.22
C ILE A 153 13.93 -3.28 24.79
N TYR A 154 14.11 -4.59 25.05
CA TYR A 154 13.07 -5.55 24.66
C TYR A 154 11.91 -5.53 25.62
N ILE A 155 12.18 -5.34 26.89
CA ILE A 155 11.11 -5.32 27.86
C ILE A 155 10.29 -4.09 27.64
N PHE A 156 10.95 -2.94 27.50
CA PHE A 156 10.25 -1.70 27.29
C PHE A 156 9.44 -1.79 26.04
N THR A 157 10.03 -2.29 24.94
CA THR A 157 9.27 -2.40 23.74
C THR A 157 8.10 -3.33 23.93
N ALA A 158 8.29 -4.46 24.60
CA ALA A 158 7.19 -5.38 24.83
C ALA A 158 6.10 -4.73 25.65
N VAL A 159 6.46 -3.91 26.62
CA VAL A 159 5.50 -3.22 27.43
C VAL A 159 4.76 -2.20 26.61
N VAL A 160 5.46 -1.45 25.77
CA VAL A 160 4.76 -0.47 24.97
C VAL A 160 3.83 -1.16 24.03
N CYS A 161 4.29 -2.24 23.40
CA CYS A 161 3.46 -2.97 22.48
C CYS A 161 2.27 -3.58 23.20
N SER A 162 2.47 -4.07 24.43
CA SER A 162 1.40 -4.63 25.22
C SER A 162 0.37 -3.57 25.54
N LEU A 163 0.85 -2.37 25.90
CA LEU A 163 -0.03 -1.26 26.18
C LEU A 163 -0.76 -0.86 24.92
N LEU A 164 -0.10 -0.88 23.74
CA LEU A 164 -0.84 -0.57 22.54
C LEU A 164 -1.89 -1.61 22.29
N TYR A 165 -1.56 -2.88 22.52
CA TYR A 165 -2.51 -3.96 22.30
C TYR A 165 -3.73 -3.71 23.17
N TYR A 166 -3.50 -3.40 24.44
CA TYR A 166 -4.54 -3.12 25.40
C TYR A 166 -5.41 -1.97 24.92
N GLU A 167 -4.79 -0.86 24.51
CA GLU A 167 -5.54 0.30 24.08
C GLU A 167 -6.31 -0.01 22.84
N HIS A 168 -5.79 -0.80 21.95
CA HIS A 168 -6.57 -1.09 20.78
C HIS A 168 -7.80 -1.84 21.17
N LYS A 169 -7.70 -2.81 22.07
CA LYS A 169 -8.90 -3.52 22.47
C LYS A 169 -9.86 -2.65 23.26
N TYR A 170 -9.34 -1.79 24.12
CA TYR A 170 -10.14 -0.94 24.96
C TYR A 170 -10.92 0.04 24.12
N ILE A 171 -10.23 0.70 23.21
CA ILE A 171 -10.83 1.69 22.38
C ILE A 171 -11.82 1.07 21.48
N LEU A 172 -11.51 -0.08 20.87
CA LEU A 172 -12.53 -0.66 20.05
C LEU A 172 -13.73 -1.08 20.83
N THR A 173 -13.57 -1.58 22.05
CA THR A 173 -14.76 -1.95 22.79
C THR A 173 -15.66 -0.73 22.97
N LYS A 174 -15.05 0.42 23.28
CA LYS A 174 -15.79 1.65 23.47
C LYS A 174 -16.42 2.11 22.17
N ARG A 175 -15.74 1.90 21.05
CA ARG A 175 -16.24 2.28 19.76
C ARG A 175 -17.41 1.45 19.31
N ILE A 176 -17.37 0.15 19.54
CA ILE A 176 -18.48 -0.70 19.17
C ILE A 176 -19.64 -0.37 20.09
N ALA A 177 -19.38 -0.23 21.39
CA ALA A 177 -20.43 0.10 22.34
C ALA A 177 -21.08 1.43 22.03
N HIS A 178 -20.30 2.42 21.59
CA HIS A 178 -20.82 3.71 21.23
C HIS A 178 -21.78 3.54 20.10
N LEU A 179 -21.40 2.78 19.09
CA LEU A 179 -22.34 2.57 18.02
C LEU A 179 -23.60 1.94 18.51
N TYR A 180 -23.52 0.93 19.36
CA TYR A 180 -24.78 0.32 19.71
C TYR A 180 -25.70 1.20 20.53
N SER A 181 -25.17 2.04 21.41
CA SER A 181 -26.04 2.90 22.23
C SER A 181 -26.49 4.23 21.61
N SER A 182 -25.80 4.74 20.59
CA SER A 182 -26.11 6.05 20.02
C SER A 182 -27.36 6.14 19.17
N LYS A 183 -27.82 7.38 18.96
CA LYS A 183 -28.93 7.64 18.08
C LYS A 183 -28.39 7.73 16.66
N PRO A 184 -29.17 7.39 15.63
CA PRO A 184 -28.77 7.47 14.26
C PRO A 184 -28.52 8.90 13.89
N GLN A 185 -27.46 9.13 13.13
CA GLN A 185 -27.13 10.47 12.69
C GLN A 185 -27.23 10.56 11.17
N PRO A 186 -27.56 11.71 10.55
CA PRO A 186 -27.61 11.87 9.11
C PRO A 186 -26.38 11.42 8.36
N GLN A 187 -25.20 11.58 8.95
CA GLN A 187 -23.96 11.20 8.29
C GLN A 187 -23.74 9.72 8.20
N GLU A 188 -24.53 8.93 8.91
CA GLU A 188 -24.33 7.49 8.90
C GLU A 188 -25.05 6.85 7.74
N PHE A 189 -26.03 7.55 7.20
CA PHE A 189 -26.88 7.03 6.15
C PHE A 189 -26.67 7.79 4.86
N THR A 190 -25.68 8.66 4.82
CA THR A 190 -25.51 9.51 3.63
C THR A 190 -24.16 9.35 3.01
N VAL A 191 -24.17 9.28 1.71
CA VAL A 191 -22.99 9.15 0.88
C VAL A 191 -22.81 10.34 -0.02
N LEU A 192 -21.61 10.86 -0.09
CA LEU A 192 -21.33 11.94 -1.01
C LEU A 192 -20.77 11.33 -2.27
N VAL A 193 -21.49 11.55 -3.34
CA VAL A 193 -21.17 11.00 -4.62
C VAL A 193 -20.56 12.08 -5.45
N SER A 194 -19.44 11.83 -6.08
CA SER A 194 -18.86 12.90 -6.89
C SER A 194 -18.35 12.38 -8.20
N GLY A 195 -18.22 13.27 -9.17
CA GLY A 195 -17.76 12.78 -10.45
C GLY A 195 -18.97 12.26 -11.16
N VAL A 196 -20.08 12.95 -10.99
CA VAL A 196 -21.30 12.55 -11.61
C VAL A 196 -21.13 12.83 -13.10
N PRO A 197 -21.41 11.89 -14.00
CA PRO A 197 -21.27 12.01 -15.43
C PRO A 197 -22.10 13.12 -16.00
N LEU A 198 -21.60 13.68 -17.09
CA LEU A 198 -22.34 14.70 -17.76
C LEU A 198 -23.10 14.02 -18.86
N VAL A 199 -24.40 14.02 -18.74
CA VAL A 199 -25.25 13.32 -19.65
C VAL A 199 -26.07 14.32 -20.42
N SER A 200 -26.01 14.26 -21.73
CA SER A 200 -26.75 15.24 -22.48
C SER A 200 -28.21 15.09 -22.19
N GLY A 201 -28.89 16.22 -22.07
CA GLY A 201 -30.34 16.24 -21.87
C GLY A 201 -30.75 16.01 -20.42
N ASN A 202 -29.77 15.88 -19.53
CA ASN A 202 -30.04 15.60 -18.13
C ASN A 202 -29.21 16.45 -17.18
N SER A 203 -29.81 16.78 -16.05
CA SER A 203 -29.10 17.51 -15.01
C SER A 203 -28.25 16.55 -14.20
N ILE A 204 -27.41 17.09 -13.33
CA ILE A 204 -26.63 16.27 -12.42
C ILE A 204 -27.57 15.52 -11.51
N SER A 205 -28.62 16.18 -11.09
CA SER A 205 -29.59 15.56 -10.22
C SER A 205 -30.18 14.33 -10.86
N GLU A 206 -30.59 14.46 -12.12
CA GLU A 206 -31.18 13.34 -12.82
C GLU A 206 -30.19 12.21 -13.01
N THR A 207 -28.96 12.54 -13.29
CA THR A 207 -27.97 11.52 -13.48
C THR A 207 -27.76 10.71 -12.19
N VAL A 208 -27.68 11.39 -11.03
CA VAL A 208 -27.49 10.71 -9.74
C VAL A 208 -28.65 9.88 -9.33
N GLU A 209 -29.85 10.39 -9.42
CA GLU A 209 -30.91 9.54 -8.97
C GLU A 209 -31.10 8.39 -9.91
N ASN A 210 -30.83 8.55 -11.20
CA ASN A 210 -31.05 7.40 -12.03
C ASN A 210 -30.04 6.32 -11.71
N PHE A 211 -28.80 6.70 -11.43
CA PHE A 211 -27.81 5.70 -11.11
C PHE A 211 -28.15 4.95 -9.82
N PHE A 212 -28.50 5.66 -8.77
CA PHE A 212 -28.75 4.97 -7.52
C PHE A 212 -30.08 4.26 -7.53
N ARG A 213 -31.07 4.79 -8.17
CA ARG A 213 -32.33 4.07 -8.19
C ARG A 213 -32.17 2.75 -8.92
N GLU A 214 -31.38 2.74 -9.99
CA GLU A 214 -31.15 1.54 -10.76
C GLU A 214 -30.27 0.52 -10.08
N TYR A 215 -29.22 0.96 -9.37
CA TYR A 215 -28.32 -0.02 -8.78
C TYR A 215 -28.50 -0.29 -7.28
N HIS A 216 -29.17 0.59 -6.57
CA HIS A 216 -29.39 0.47 -5.13
C HIS A 216 -30.86 0.68 -4.84
N SER A 217 -31.71 -0.02 -5.58
CA SER A 217 -33.14 0.21 -5.47
C SER A 217 -33.74 -0.17 -4.13
N SER A 218 -33.10 -1.09 -3.42
CA SER A 218 -33.60 -1.51 -2.13
C SER A 218 -33.24 -0.58 -0.99
N SER A 219 -32.29 0.34 -1.21
CA SER A 219 -31.86 1.21 -0.15
C SER A 219 -31.96 2.71 -0.44
N TYR A 220 -32.09 3.13 -1.70
CA TYR A 220 -32.12 4.55 -2.02
C TYR A 220 -33.32 5.32 -1.49
N LEU A 221 -33.06 6.49 -0.91
CA LEU A 221 -34.10 7.40 -0.45
C LEU A 221 -34.30 8.59 -1.36
N SER A 222 -33.39 9.56 -1.24
CA SER A 222 -33.40 10.81 -1.98
C SER A 222 -32.02 11.40 -2.03
N HIS A 223 -31.87 12.50 -2.76
CA HIS A 223 -30.57 13.14 -2.84
C HIS A 223 -30.70 14.63 -3.12
N ILE A 224 -29.64 15.38 -2.83
CA ILE A 224 -29.58 16.80 -3.21
C ILE A 224 -28.25 17.09 -3.95
N VAL A 225 -28.22 18.12 -4.83
CA VAL A 225 -27.00 18.53 -5.57
C VAL A 225 -26.47 19.82 -4.92
N PRO A 302 -21.95 18.58 -10.33
CA PRO A 302 -21.18 17.36 -10.59
C PRO A 302 -20.97 16.45 -9.34
N ALA A 303 -21.78 16.66 -8.27
CA ALA A 303 -21.76 15.90 -7.02
C ALA A 303 -23.12 15.97 -6.37
N ALA A 304 -23.41 15.00 -5.51
CA ALA A 304 -24.66 15.01 -4.77
C ALA A 304 -24.57 14.23 -3.47
N PHE A 305 -25.41 14.59 -2.52
CA PHE A 305 -25.50 13.83 -1.29
C PHE A 305 -26.66 12.88 -1.42
N VAL A 306 -26.39 11.59 -1.36
CA VAL A 306 -27.39 10.55 -1.55
C VAL A 306 -27.68 9.83 -0.25
N SER A 307 -28.94 9.77 0.12
CA SER A 307 -29.31 9.13 1.35
C SER A 307 -29.80 7.70 1.15
N PHE A 308 -29.51 6.85 2.13
CA PHE A 308 -29.90 5.45 2.17
C PHE A 308 -30.71 5.11 3.39
N ARG A 309 -31.55 4.10 3.25
CA ARG A 309 -32.36 3.61 4.32
C ARG A 309 -31.60 3.04 5.49
N THR A 310 -30.46 2.41 5.23
CA THR A 310 -29.71 1.76 6.30
C THR A 310 -28.24 2.12 6.27
N ARG A 311 -27.55 1.83 7.37
CA ARG A 311 -26.14 2.08 7.42
C ARG A 311 -25.45 1.06 6.56
N HIS A 312 -25.98 -0.16 6.53
CA HIS A 312 -25.39 -1.19 5.72
C HIS A 312 -25.54 -0.79 4.25
N GLY A 313 -26.69 -0.27 3.87
CA GLY A 313 -26.88 0.14 2.49
C GLY A 313 -25.84 1.17 2.09
N ALA A 314 -25.62 2.18 2.93
CA ALA A 314 -24.63 3.19 2.59
C ALA A 314 -23.27 2.57 2.50
N ALA A 315 -22.97 1.62 3.37
CA ALA A 315 -21.67 0.97 3.33
C ALA A 315 -21.42 0.31 2.01
N ILE A 316 -22.46 -0.26 1.42
CA ILE A 316 -22.30 -0.90 0.14
C ILE A 316 -21.99 0.16 -0.90
N ALA A 317 -22.73 1.26 -0.89
CA ALA A 317 -22.48 2.31 -1.87
C ALA A 317 -21.06 2.86 -1.75
N THR A 318 -20.50 2.95 -0.56
CA THR A 318 -19.15 3.46 -0.42
C THR A 318 -18.05 2.42 -0.48
N ASN A 319 -18.34 1.15 -0.27
CA ASN A 319 -17.27 0.16 -0.26
C ASN A 319 -17.06 -0.56 -1.57
N ILE A 320 -18.09 -0.64 -2.41
CA ILE A 320 -17.95 -1.36 -3.66
C ILE A 320 -17.93 -0.39 -4.84
N GLN A 321 -16.94 -0.55 -5.73
CA GLN A 321 -16.83 0.33 -6.89
C GLN A 321 -18.16 0.37 -7.57
N GLN A 322 -18.60 1.57 -7.95
CA GLN A 322 -19.91 1.73 -8.52
C GLN A 322 -19.98 1.69 -10.02
N GLY A 323 -19.32 2.58 -10.71
CA GLY A 323 -19.49 2.57 -12.16
C GLY A 323 -18.46 1.72 -12.84
N ILE A 324 -18.58 1.59 -14.15
CA ILE A 324 -17.62 0.83 -14.93
C ILE A 324 -16.29 1.53 -14.85
N ASP A 325 -16.36 2.83 -14.95
CA ASP A 325 -15.23 3.71 -14.88
C ASP A 325 -15.03 4.16 -13.44
N PRO A 326 -14.02 3.70 -12.72
CA PRO A 326 -13.79 3.92 -11.32
C PRO A 326 -13.45 5.34 -10.96
N THR A 327 -13.19 6.18 -11.96
CA THR A 327 -12.81 7.55 -11.66
C THR A 327 -14.02 8.45 -11.63
N GLN A 328 -15.19 7.87 -11.87
CA GLN A 328 -16.44 8.61 -11.84
C GLN A 328 -17.42 7.81 -11.00
N TRP A 329 -18.42 8.50 -10.47
CA TRP A 329 -19.34 7.93 -9.50
C TRP A 329 -18.55 7.48 -8.29
N LEU A 330 -17.73 8.38 -7.80
CA LEU A 330 -16.89 8.11 -6.65
C LEU A 330 -17.75 8.24 -5.43
N THR A 331 -17.62 7.36 -4.47
CA THR A 331 -18.43 7.48 -3.28
C THR A 331 -17.61 7.52 -2.01
N GLU A 332 -18.04 8.40 -1.09
CA GLU A 332 -17.42 8.57 0.21
C GLU A 332 -18.45 8.85 1.29
N ALA A 333 -18.29 8.33 2.48
CA ALA A 333 -19.30 8.64 3.47
C ALA A 333 -19.36 10.13 3.73
N ALA A 334 -20.58 10.67 3.84
CA ALA A 334 -20.74 12.09 4.08
C ALA A 334 -20.30 12.45 5.49
N PRO A 335 -19.72 13.63 5.72
CA PRO A 335 -19.37 14.21 6.99
C PRO A 335 -20.62 14.79 7.57
N GLU A 336 -20.63 15.23 8.81
CA GLU A 336 -21.82 15.85 9.34
C GLU A 336 -22.25 17.04 8.53
N PRO A 337 -23.55 17.34 8.43
CA PRO A 337 -24.08 18.50 7.74
C PRO A 337 -23.42 19.81 8.14
N GLU A 338 -23.07 19.94 9.42
CA GLU A 338 -22.43 21.13 9.94
C GLU A 338 -20.92 21.15 9.78
N ASP A 339 -20.38 20.04 9.30
CA ASP A 339 -18.97 19.89 9.10
C ASP A 339 -18.63 19.79 7.63
N VAL A 340 -19.55 20.15 6.75
CA VAL A 340 -19.24 20.04 5.35
C VAL A 340 -18.40 21.20 4.92
N HIS A 341 -17.30 20.94 4.25
CA HIS A 341 -16.49 22.02 3.76
C HIS A 341 -17.10 22.48 2.47
N TRP A 342 -18.12 23.32 2.60
CA TRP A 342 -18.92 23.72 1.46
C TRP A 342 -18.13 24.26 0.27
N PRO A 343 -17.04 25.04 0.41
CA PRO A 343 -16.23 25.57 -0.68
C PRO A 343 -15.69 24.49 -1.60
N PHE A 344 -15.68 23.24 -1.15
CA PHE A 344 -15.23 22.11 -1.92
C PHE A 344 -15.90 22.04 -3.26
N PHE A 345 -17.19 22.30 -3.27
CA PHE A 345 -18.06 22.16 -4.42
C PHE A 345 -17.88 23.27 -5.47
N THR A 346 -17.16 24.32 -5.12
CA THR A 346 -16.92 25.43 -6.03
C THR A 346 -16.02 25.02 -7.18
N ALA A 347 -15.01 24.23 -6.87
CA ALA A 347 -14.03 23.79 -7.85
C ALA A 347 -14.51 22.61 -8.68
N SER A 348 -14.04 22.57 -9.91
CA SER A 348 -14.20 21.46 -10.81
C SER A 348 -13.13 20.46 -10.46
N PHE A 349 -13.16 19.26 -11.04
CA PHE A 349 -12.11 18.30 -10.70
C PHE A 349 -10.73 18.77 -11.11
N VAL A 350 -10.61 19.36 -12.27
CA VAL A 350 -9.31 19.83 -12.66
C VAL A 350 -8.89 20.96 -11.76
N ARG A 351 -9.80 21.89 -11.47
CA ARG A 351 -9.43 23.01 -10.65
C ARG A 351 -8.95 22.59 -9.27
N ARG A 352 -9.60 21.60 -8.63
CA ARG A 352 -9.13 21.20 -7.31
C ARG A 352 -7.84 20.38 -7.39
N TRP A 353 -7.62 19.66 -8.49
CA TRP A 353 -6.37 18.94 -8.63
C TRP A 353 -5.24 19.95 -8.73
N ILE A 354 -5.48 21.06 -9.42
CA ILE A 354 -4.45 22.10 -9.51
C ILE A 354 -4.15 22.63 -8.13
N SER A 355 -5.19 22.88 -7.34
CA SER A 355 -4.96 23.40 -6.00
C SER A 355 -4.24 22.40 -5.11
N ASN A 356 -4.49 21.07 -5.22
CA ASN A 356 -3.80 20.20 -4.29
C ASN A 356 -2.30 20.15 -4.62
N VAL A 357 -1.95 20.44 -5.86
CA VAL A 357 -0.55 20.53 -6.24
C VAL A 357 0.03 21.75 -5.56
N VAL A 358 -0.72 22.85 -5.58
CA VAL A 358 -0.26 24.07 -4.93
C VAL A 358 -0.09 23.85 -3.43
N VAL A 359 -1.02 23.11 -2.81
CA VAL A 359 -0.92 22.83 -1.38
C VAL A 359 0.33 22.05 -1.07
N LEU A 360 0.64 21.03 -1.86
CA LEU A 360 1.84 20.28 -1.62
C LEU A 360 3.07 21.15 -1.75
N VAL A 361 3.10 22.01 -2.76
CA VAL A 361 4.26 22.84 -2.93
C VAL A 361 4.40 23.80 -1.78
N ALA A 362 3.31 24.44 -1.36
CA ALA A 362 3.38 25.36 -0.26
C ALA A 362 3.81 24.66 1.03
N PHE A 363 3.35 23.42 1.25
CA PHE A 363 3.73 22.63 2.41
C PHE A 363 5.21 22.38 2.43
N VAL A 364 5.76 21.95 1.29
CA VAL A 364 7.18 21.68 1.23
C VAL A 364 7.95 22.97 1.44
N ALA A 365 7.51 24.06 0.84
CA ALA A 365 8.20 25.32 1.02
C ALA A 365 8.20 25.73 2.49
N LEU A 366 7.11 25.43 3.22
CA LEU A 366 6.97 25.73 4.63
C LEU A 366 7.98 24.88 5.43
N LEU A 367 8.11 23.60 5.07
CA LEU A 367 9.10 22.71 5.74
C LEU A 367 10.55 23.20 5.51
N ILE A 368 10.85 23.67 4.28
CA ILE A 368 12.16 24.14 3.83
C ILE A 368 12.01 25.63 3.56
N LEU A 410 16.28 33.18 27.35
CA LEU A 410 15.94 31.91 26.73
C LEU A 410 15.31 32.18 25.33
N PRO A 411 16.11 32.37 24.20
CA PRO A 411 15.68 32.67 22.82
C PRO A 411 14.87 31.54 22.20
N SER A 412 14.92 30.37 22.83
CA SER A 412 14.17 29.22 22.37
C SER A 412 12.68 29.50 22.50
N LEU A 413 12.31 30.49 23.31
CA LEU A 413 10.93 30.87 23.44
C LEU A 413 10.47 31.50 22.14
N ILE A 414 11.34 32.24 21.46
CA ILE A 414 10.95 32.92 20.25
C ILE A 414 10.60 31.86 19.24
N PHE A 415 11.45 30.84 19.18
CA PHE A 415 11.22 29.73 18.27
C PHE A 415 9.86 29.11 18.55
N GLN A 416 9.58 28.82 19.81
CA GLN A 416 8.30 28.22 20.11
C GLN A 416 7.13 29.14 19.76
N LEU A 417 7.30 30.43 19.95
CA LEU A 417 6.21 31.33 19.63
C LEU A 417 5.91 31.33 18.14
N PHE A 418 6.93 31.20 17.29
CA PHE A 418 6.65 31.10 15.86
C PHE A 418 6.02 29.77 15.52
N LEU A 419 6.36 28.73 16.25
CA LEU A 419 5.72 27.46 15.95
C LEU A 419 4.23 27.53 16.23
N LEU A 420 3.82 28.41 17.14
CA LEU A 420 2.39 28.53 17.46
C LEU A 420 1.55 28.97 16.28
N ILE A 421 2.14 29.56 15.23
CA ILE A 421 1.31 29.98 14.11
C ILE A 421 1.32 28.95 13.00
N VAL A 422 2.12 27.90 13.16
CA VAL A 422 2.15 26.93 12.10
C VAL A 422 0.83 26.19 11.97
N PRO A 423 0.19 25.67 13.02
CA PRO A 423 -1.08 25.00 12.88
C PRO A 423 -2.07 25.83 12.00
N PRO A 424 -2.36 27.14 12.24
CA PRO A 424 -3.17 27.95 11.35
C PRO A 424 -2.71 27.91 9.92
N ILE A 425 -1.40 27.83 9.70
CA ILE A 425 -0.95 27.77 8.33
C ILE A 425 -1.33 26.47 7.73
N MET A 426 -1.12 25.38 8.47
CA MET A 426 -1.41 24.05 7.95
C MET A 426 -2.90 23.88 7.71
N LEU A 427 -3.73 24.50 8.52
CA LEU A 427 -5.16 24.40 8.33
C LEU A 427 -5.65 25.15 7.10
N LEU A 428 -5.14 26.35 6.88
CA LEU A 428 -5.57 27.11 5.72
C LEU A 428 -5.06 26.45 4.47
N LEU A 429 -3.88 25.87 4.57
CA LEU A 429 -3.23 25.17 3.51
C LEU A 429 -3.99 23.91 3.14
N SER A 430 -4.43 23.13 4.13
CA SER A 430 -5.17 21.91 3.87
C SER A 430 -6.55 22.21 3.36
N SER A 431 -7.09 23.37 3.72
CA SER A 431 -8.43 23.75 3.30
C SER A 431 -8.60 23.90 1.81
N MET A 432 -7.51 24.08 1.09
CA MET A 432 -7.65 24.23 -0.35
C MET A 432 -7.15 23.00 -1.09
N GLN A 433 -6.99 21.88 -0.38
CA GLN A 433 -6.47 20.65 -0.95
C GLN A 433 -7.52 19.70 -1.54
N GLY A 434 -8.81 20.01 -1.43
CA GLY A 434 -9.82 19.09 -1.97
C GLY A 434 -10.55 18.20 -0.97
N PHE A 435 -10.50 18.54 0.31
CA PHE A 435 -11.18 17.78 1.35
C PHE A 435 -12.62 18.15 1.37
N ILE A 436 -13.47 17.28 1.88
CA ILE A 436 -14.89 17.58 1.89
C ILE A 436 -15.43 17.99 3.23
N SER A 437 -14.58 18.02 4.25
CA SER A 437 -15.06 18.34 5.59
C SER A 437 -14.01 18.98 6.44
N HIS A 438 -14.47 19.62 7.51
CA HIS A 438 -13.50 20.26 8.37
C HIS A 438 -12.79 19.20 9.18
N SER A 439 -13.43 18.06 9.41
CA SER A 439 -12.76 16.98 10.11
C SER A 439 -11.57 16.50 9.33
N GLN A 440 -11.72 16.38 8.01
CA GLN A 440 -10.63 15.96 7.17
C GLN A 440 -9.58 17.00 7.05
N ILE A 441 -9.97 18.27 7.03
CA ILE A 441 -8.99 19.33 6.94
C ILE A 441 -8.14 19.37 8.18
N GLU A 442 -8.77 19.27 9.36
CA GLU A 442 -8.02 19.29 10.60
C GLU A 442 -7.20 18.05 10.77
N LYS A 443 -7.70 16.89 10.36
CA LYS A 443 -6.93 15.66 10.46
C LYS A 443 -5.75 15.77 9.52
N SER A 444 -5.97 16.31 8.34
CA SER A 444 -4.92 16.49 7.38
C SER A 444 -3.89 17.43 7.91
N ALA A 445 -4.32 18.53 8.53
CA ALA A 445 -3.39 19.47 9.12
C ALA A 445 -2.63 18.80 10.23
N CYS A 446 -3.29 17.93 11.01
CA CYS A 446 -2.65 17.20 12.10
C CYS A 446 -1.51 16.39 11.55
N ILE A 447 -1.77 15.67 10.47
CA ILE A 447 -0.74 14.85 9.88
C ILE A 447 0.37 15.73 9.36
N LYS A 448 0.05 16.85 8.71
CA LYS A 448 1.10 17.72 8.24
C LYS A 448 1.94 18.23 9.38
N LEU A 449 1.33 18.53 10.53
CA LEU A 449 2.07 18.97 11.71
C LEU A 449 2.94 17.87 12.26
N LEU A 450 2.51 16.62 12.19
CA LEU A 450 3.35 15.55 12.68
C LEU A 450 4.57 15.45 11.81
N ILE A 451 4.39 15.59 10.50
CA ILE A 451 5.49 15.52 9.57
C ILE A 451 6.40 16.71 9.77
N PHE A 452 5.81 17.87 9.89
CA PHE A 452 6.50 19.10 10.08
C PHE A 452 7.30 19.09 11.35
N THR A 453 6.73 18.69 12.47
CA THR A 453 7.45 18.70 13.73
C THR A 453 8.59 17.68 13.72
N VAL A 454 8.36 16.50 13.18
CA VAL A 454 9.44 15.56 13.16
C VAL A 454 10.57 16.10 12.32
N TRP A 455 10.29 16.70 11.16
CA TRP A 455 11.34 17.25 10.33
C TRP A 455 12.01 18.49 10.93
N ASN A 456 11.22 19.49 11.30
CA ASN A 456 11.71 20.78 11.74
C ASN A 456 12.13 20.90 13.19
N SER A 457 11.75 19.96 14.04
CA SER A 457 12.20 19.99 15.42
C SER A 457 13.15 18.82 15.66
N PHE A 458 12.70 17.58 15.48
CA PHE A 458 13.62 16.50 15.81
C PHE A 458 14.76 16.39 14.83
N PHE A 459 14.48 16.20 13.56
CA PHE A 459 15.60 15.99 12.68
C PHE A 459 16.38 17.25 12.45
N ALA A 460 15.73 18.39 12.41
CA ALA A 460 16.47 19.62 12.24
C ALA A 460 17.48 19.87 13.35
N ASN A 461 17.19 19.47 14.59
CA ASN A 461 18.14 19.72 15.65
C ASN A 461 19.16 18.62 15.81
N VAL A 462 18.78 17.40 15.47
CA VAL A 462 19.67 16.28 15.55
C VAL A 462 20.64 16.28 14.38
N LEU A 463 20.11 16.36 13.18
CA LEU A 463 20.89 16.38 11.96
C LEU A 463 21.16 17.81 11.58
N SER A 464 21.90 18.48 12.42
CA SER A 464 22.13 19.88 12.19
C SER A 464 22.82 20.09 10.87
N GLY A 465 22.34 21.07 10.11
CA GLY A 465 22.88 21.36 8.79
C GLY A 465 21.79 21.94 7.89
N SER A 466 22.05 21.95 6.58
CA SER A 466 21.14 22.48 5.59
C SER A 466 20.02 21.51 5.29
N ALA A 467 18.96 21.97 4.62
CA ALA A 467 17.90 21.06 4.26
C ALA A 467 18.39 20.01 3.30
N LEU A 468 19.32 20.37 2.42
CA LEU A 468 19.84 19.41 1.46
C LEU A 468 20.62 18.33 2.18
N TYR A 469 21.41 18.72 3.16
CA TYR A 469 22.16 17.76 3.94
C TYR A 469 21.24 16.74 4.57
N ARG A 470 20.17 17.22 5.23
CA ARG A 470 19.26 16.29 5.86
C ARG A 470 18.60 15.37 4.88
N VAL A 471 18.24 15.86 3.71
CA VAL A 471 17.64 14.97 2.74
C VAL A 471 18.64 13.92 2.33
N ASN A 472 19.88 14.29 2.09
CA ASN A 472 20.87 13.31 1.69
C ASN A 472 21.09 12.25 2.76
N VAL A 473 20.97 12.60 4.02
CA VAL A 473 21.14 11.63 5.09
C VAL A 473 20.14 10.51 4.95
N PHE A 474 18.92 10.84 4.59
CA PHE A 474 17.92 9.81 4.52
C PHE A 474 17.90 9.05 3.21
N LEU A 475 18.84 9.32 2.33
CA LEU A 475 18.94 8.60 1.08
C LEU A 475 19.95 7.48 1.21
N GLU A 476 20.54 7.31 2.38
CA GLU A 476 21.52 6.25 2.56
C GLU A 476 21.20 5.39 3.78
N PRO A 477 20.20 4.50 3.73
CA PRO A 477 19.70 3.72 4.84
C PRO A 477 20.73 2.96 5.65
N LYS A 478 21.80 2.49 5.03
CA LYS A 478 22.78 1.71 5.77
C LYS A 478 23.56 2.53 6.77
N THR A 479 23.53 3.86 6.66
CA THR A 479 24.28 4.68 7.60
C THR A 479 23.35 5.35 8.57
N ILE A 480 22.02 5.21 8.40
CA ILE A 480 21.16 5.97 9.29
C ILE A 480 21.39 5.61 10.73
N PRO A 481 21.46 4.34 11.13
CA PRO A 481 21.66 3.98 12.50
C PRO A 481 22.83 4.67 13.14
N ARG A 482 23.92 4.95 12.41
CA ARG A 482 25.05 5.57 13.07
C ARG A 482 24.94 7.06 13.07
N VAL A 483 24.31 7.61 12.05
CA VAL A 483 24.17 9.04 12.02
C VAL A 483 23.29 9.47 13.17
N LEU A 484 22.21 8.74 13.44
CA LEU A 484 21.36 9.11 14.54
C LEU A 484 21.92 8.66 15.88
N ALA A 485 22.52 7.49 15.97
CA ALA A 485 23.03 7.08 17.26
C ALA A 485 24.07 8.04 17.78
N ALA A 486 24.86 8.63 16.90
CA ALA A 486 25.88 9.56 17.31
C ALA A 486 25.39 11.01 17.41
N ALA A 487 24.15 11.28 17.01
CA ALA A 487 23.64 12.65 16.96
C ALA A 487 22.55 12.92 17.98
N VAL A 488 21.73 11.92 18.24
CA VAL A 488 20.60 12.08 19.12
C VAL A 488 20.98 12.30 20.58
N PRO A 489 21.84 11.49 21.24
CA PRO A 489 22.19 11.61 22.65
C PRO A 489 22.66 13.00 23.04
N ALA A 490 23.33 13.67 22.12
CA ALA A 490 23.89 14.99 22.33
C ALA A 490 22.83 16.05 22.51
N GLN A 491 21.61 15.77 22.09
CA GLN A 491 20.52 16.71 22.18
C GLN A 491 19.68 16.51 23.41
N ALA A 492 20.05 15.60 24.29
CA ALA A 492 19.18 15.38 25.43
C ALA A 492 18.94 16.64 26.25
N SER A 493 19.95 17.50 26.40
CA SER A 493 19.76 18.71 27.19
C SER A 493 18.90 19.73 26.47
N PHE A 494 18.95 19.70 25.14
CA PHE A 494 18.15 20.55 24.29
C PHE A 494 16.73 20.20 24.46
N PHE A 495 16.44 18.92 24.40
CA PHE A 495 15.09 18.47 24.48
C PHE A 495 14.53 18.65 25.86
N VAL A 496 15.32 18.62 26.92
CA VAL A 496 14.70 18.93 28.20
C VAL A 496 14.21 20.37 28.15
N SER A 497 15.03 21.28 27.64
CA SER A 497 14.62 22.67 27.54
C SER A 497 13.42 22.81 26.62
N TYR A 498 13.43 22.13 25.49
CA TYR A 498 12.36 22.15 24.51
C TYR A 498 11.05 21.74 25.13
N VAL A 499 11.06 20.63 25.87
CA VAL A 499 9.85 20.12 26.48
C VAL A 499 9.35 21.09 27.51
N VAL A 500 10.22 21.66 28.32
CA VAL A 500 9.74 22.60 29.31
C VAL A 500 9.16 23.86 28.67
N THR A 501 9.86 24.43 27.68
CA THR A 501 9.40 25.64 27.03
C THR A 501 8.13 25.41 26.26
N SER A 502 8.09 24.36 25.45
CA SER A 502 6.91 24.10 24.66
C SER A 502 5.81 23.61 25.52
N GLY A 503 6.15 22.99 26.63
CA GLY A 503 5.18 22.51 27.56
C GLY A 503 4.41 23.67 28.15
N TRP A 504 5.11 24.60 28.83
CA TRP A 504 4.34 25.71 29.39
C TRP A 504 3.79 26.66 28.35
N THR A 505 4.43 26.78 27.20
CA THR A 505 3.89 27.69 26.22
C THR A 505 2.60 27.13 25.74
N GLY A 506 2.57 25.83 25.48
CA GLY A 506 1.39 25.15 24.99
C GLY A 506 0.26 25.22 25.98
N LEU A 507 0.51 24.83 27.23
CA LEU A 507 -0.56 24.82 28.20
C LEU A 507 -1.06 26.21 28.55
N SER A 508 -0.18 27.22 28.67
CA SER A 508 -0.66 28.54 28.99
C SER A 508 -1.37 29.13 27.80
N SER A 509 -0.91 28.84 26.59
CA SER A 509 -1.53 29.36 25.42
C SER A 509 -2.94 28.88 25.34
N GLU A 510 -3.16 27.61 25.62
CA GLU A 510 -4.50 27.10 25.58
C GLU A 510 -5.40 27.66 26.67
N ILE A 511 -4.90 27.76 27.90
CA ILE A 511 -5.72 28.26 29.01
C ILE A 511 -6.19 29.69 28.78
N LEU A 512 -5.31 30.51 28.27
CA LEU A 512 -5.55 31.91 28.02
C LEU A 512 -6.16 32.17 26.65
N ARG A 513 -6.40 31.11 25.88
CA ARG A 513 -6.94 31.20 24.55
C ARG A 513 -6.13 32.12 23.65
N LEU A 514 -4.81 31.95 23.64
CA LEU A 514 -3.99 32.84 22.86
C LEU A 514 -4.05 32.54 21.38
N VAL A 515 -4.45 31.33 21.00
CA VAL A 515 -4.54 31.02 19.59
C VAL A 515 -5.61 31.83 18.87
N PRO A 516 -6.90 31.83 19.27
CA PRO A 516 -7.90 32.68 18.65
C PRO A 516 -7.66 34.21 18.83
N LEU A 517 -6.92 34.65 19.89
CA LEU A 517 -6.60 36.06 20.13
C LEU A 517 -5.47 36.48 19.19
N VAL A 536 -10.65 28.99 13.23
CA VAL A 536 -9.97 28.44 14.39
C VAL A 536 -10.66 27.07 14.69
N PRO A 537 -9.90 25.93 15.00
CA PRO A 537 -10.43 24.63 15.38
C PRO A 537 -11.31 24.69 16.64
N SER A 538 -12.37 23.91 16.66
CA SER A 538 -13.31 23.85 17.78
C SER A 538 -12.86 22.94 18.91
N THR A 539 -11.81 22.17 18.63
CA THR A 539 -11.24 21.19 19.54
C THR A 539 -9.71 21.38 19.54
N PRO A 540 -8.97 20.88 20.53
CA PRO A 540 -7.52 20.95 20.60
C PRO A 540 -6.79 19.84 19.87
N PHE A 541 -7.48 18.97 19.19
CA PHE A 541 -6.87 17.77 18.66
C PHE A 541 -5.86 18.02 17.60
N CYS A 542 -6.18 18.95 16.72
CA CYS A 542 -5.31 19.26 15.61
C CYS A 542 -3.96 19.73 16.08
N GLN A 543 -3.93 20.54 17.14
CA GLN A 543 -2.69 21.08 17.64
C GLN A 543 -2.03 20.28 18.75
N GLU A 544 -2.83 19.67 19.62
CA GLU A 544 -2.29 18.95 20.74
C GLU A 544 -1.87 17.53 20.41
N ILE A 545 -2.59 16.78 19.57
CA ILE A 545 -2.13 15.42 19.35
C ILE A 545 -0.68 15.40 18.92
N PRO A 546 -0.21 16.23 17.98
CA PRO A 546 1.18 16.33 17.62
C PRO A 546 2.13 16.75 18.73
N ARG A 547 1.66 17.42 19.78
CA ARG A 547 2.56 17.79 20.85
C ARG A 547 2.74 16.58 21.72
N ILE A 548 1.63 15.87 21.96
CA ILE A 548 1.66 14.70 22.80
C ILE A 548 2.52 13.66 22.16
N LEU A 549 2.29 13.41 20.87
CA LEU A 549 3.05 12.42 20.15
C LEU A 549 4.49 12.80 19.96
N PHE A 550 4.80 14.07 19.73
CA PHE A 550 6.18 14.41 19.58
C PHE A 550 6.88 14.15 20.88
N PHE A 551 6.29 14.55 21.99
CA PHE A 551 6.92 14.32 23.25
C PHE A 551 7.12 12.84 23.47
N GLY A 552 6.15 12.03 23.09
CA GLY A 552 6.28 10.59 23.21
C GLY A 552 7.47 10.06 22.42
N LEU A 553 7.78 10.69 21.27
CA LEU A 553 8.90 10.28 20.44
C LEU A 553 10.17 10.46 21.22
N LEU A 554 10.25 11.58 21.94
CA LEU A 554 11.42 11.91 22.71
C LEU A 554 11.52 11.01 23.92
N GLY A 555 10.40 10.68 24.50
CA GLY A 555 10.37 9.82 25.65
C GLY A 555 10.90 8.45 25.33
N ILE A 556 10.41 7.85 24.26
CA ILE A 556 10.85 6.54 23.87
C ILE A 556 12.31 6.56 23.48
N THR A 557 12.73 7.55 22.69
CA THR A 557 14.11 7.64 22.26
C THR A 557 15.07 7.81 23.41
N TYR A 558 14.73 8.67 24.36
CA TYR A 558 15.63 8.92 25.44
C TYR A 558 15.49 7.98 26.61
N PHE A 559 14.46 7.15 26.69
CA PHE A 559 14.45 6.16 27.75
C PHE A 559 15.72 5.36 27.65
N PHE A 560 15.97 4.91 26.46
CA PHE A 560 17.15 4.16 26.17
C PHE A 560 18.43 4.98 26.36
N LEU A 561 18.48 6.20 25.80
CA LEU A 561 19.72 6.98 25.85
C LEU A 561 20.00 7.90 27.05
N SER A 562 19.01 8.57 27.60
CA SER A 562 19.20 9.55 28.67
C SER A 562 17.90 9.75 29.49
N PRO A 563 17.67 8.91 30.51
CA PRO A 563 16.47 8.80 31.34
C PRO A 563 16.07 10.05 32.11
N LEU A 564 16.94 11.03 32.26
CA LEU A 564 16.56 12.21 33.03
C LEU A 564 15.52 13.07 32.33
N ILE A 565 15.25 12.83 31.07
CA ILE A 565 14.17 13.56 30.40
C ILE A 565 12.82 13.06 30.87
N LEU A 566 12.76 11.79 31.27
CA LEU A 566 11.50 11.14 31.48
C LEU A 566 10.60 11.78 32.52
N PRO A 567 11.06 12.25 33.68
CA PRO A 567 10.22 12.90 34.65
C PRO A 567 9.63 14.19 34.13
N PHE A 568 10.22 14.82 33.11
CA PHE A 568 9.66 16.06 32.63
C PHE A 568 8.50 15.73 31.77
N LEU A 569 8.67 14.68 31.00
CA LEU A 569 7.61 14.24 30.15
C LEU A 569 6.49 13.72 30.99
N LEU A 570 6.80 13.04 32.08
CA LEU A 570 5.75 12.49 32.91
C LEU A 570 4.97 13.60 33.56
N VAL A 571 5.63 14.66 34.02
CA VAL A 571 4.91 15.78 34.58
C VAL A 571 4.05 16.43 33.53
N TYR A 572 4.58 16.63 32.33
CA TYR A 572 3.79 17.24 31.30
C TYR A 572 2.55 16.44 31.07
N TYR A 573 2.67 15.12 30.93
CA TYR A 573 1.52 14.32 30.63
C TYR A 573 0.54 14.32 31.76
N CYS A 574 0.99 14.31 33.00
CA CYS A 574 0.06 14.33 34.11
C CYS A 574 -0.69 15.66 34.17
N LEU A 575 0.02 16.77 33.96
CA LEU A 575 -0.63 18.06 33.99
C LEU A 575 -1.56 18.18 32.83
N GLY A 576 -1.14 17.66 31.69
CA GLY A 576 -1.95 17.70 30.52
C GLY A 576 -3.21 16.93 30.81
N TYR A 577 -3.09 15.74 31.32
CA TYR A 577 -4.26 14.95 31.61
C TYR A 577 -5.26 15.72 32.47
N ILE A 578 -4.82 16.36 33.55
CA ILE A 578 -5.74 17.12 34.40
C ILE A 578 -6.34 18.33 33.67
N ILE A 579 -5.49 19.08 32.99
CA ILE A 579 -5.89 20.27 32.29
C ILE A 579 -6.83 19.99 31.17
N TYR A 580 -6.56 18.97 30.38
CA TYR A 580 -7.39 18.64 29.27
C TYR A 580 -8.65 17.98 29.68
N ARG A 581 -8.68 17.24 30.76
CA ARG A 581 -9.97 16.75 31.13
C ARG A 581 -10.87 17.96 31.44
N ASN A 582 -10.31 18.99 32.10
CA ASN A 582 -11.09 20.19 32.36
C ASN A 582 -11.42 20.96 31.11
N GLN A 583 -10.46 21.13 30.22
CA GLN A 583 -10.75 21.91 29.04
C GLN A 583 -11.75 21.22 28.15
N LEU A 584 -11.70 19.90 28.03
CA LEU A 584 -12.66 19.27 27.17
C LEU A 584 -14.06 19.39 27.75
N LEU A 585 -14.19 19.26 29.08
CA LEU A 585 -15.50 19.36 29.71
C LEU A 585 -16.09 20.78 29.79
N ASN A 586 -15.25 21.78 30.05
CA ASN A 586 -15.74 23.14 30.24
C ASN A 586 -15.40 24.22 29.21
N VAL A 587 -14.44 23.99 28.31
CA VAL A 587 -14.02 25.05 27.38
C VAL A 587 -14.37 24.80 25.92
N TYR A 588 -14.09 23.60 25.45
CA TYR A 588 -14.25 23.26 24.04
C TYR A 588 -15.66 22.96 23.60
N ALA A 589 -15.91 23.17 22.31
CA ALA A 589 -17.24 22.95 21.76
C ALA A 589 -17.14 22.39 20.36
N ALA A 590 -16.84 21.11 20.29
CA ALA A 590 -16.55 20.48 19.01
C ALA A 590 -17.67 20.65 18.04
N LYS A 591 -17.31 20.90 16.78
CA LYS A 591 -18.32 21.04 15.73
C LYS A 591 -18.46 19.79 14.90
N TYR A 592 -17.79 18.73 15.31
CA TYR A 592 -17.84 17.47 14.59
C TYR A 592 -17.48 16.31 15.49
N GLU A 593 -17.83 15.11 15.05
CA GLU A 593 -17.42 13.88 15.70
C GLU A 593 -16.77 12.96 14.67
N THR A 594 -15.59 12.48 14.98
CA THR A 594 -14.84 11.60 14.10
C THR A 594 -14.61 10.24 14.67
N GLY A 595 -15.50 9.81 15.55
CA GLY A 595 -15.33 8.50 16.11
C GLY A 595 -14.03 8.55 16.87
N GLY A 596 -13.13 7.66 16.54
CA GLY A 596 -11.85 7.63 17.21
C GLY A 596 -10.80 7.56 16.13
N LYS A 597 -11.02 8.26 15.03
CA LYS A 597 -10.15 8.27 13.85
C LYS A 597 -8.77 8.83 14.07
N PHE A 598 -8.55 9.49 15.17
CA PHE A 598 -7.21 9.93 15.50
C PHE A 598 -6.42 8.77 16.10
N TRP A 599 -7.09 7.75 16.63
CA TRP A 599 -6.38 6.65 17.24
C TRP A 599 -5.36 5.99 16.30
N PRO A 600 -5.66 5.65 15.05
CA PRO A 600 -4.72 5.12 14.10
C PRO A 600 -3.50 5.99 13.92
N ILE A 601 -3.59 7.29 14.18
CA ILE A 601 -2.44 8.15 14.04
C ILE A 601 -1.55 7.86 15.19
N VAL A 602 -2.15 7.73 16.36
CA VAL A 602 -1.40 7.47 17.56
C VAL A 602 -0.70 6.15 17.47
N HIS A 603 -1.39 5.13 16.98
CA HIS A 603 -0.78 3.84 16.81
C HIS A 603 0.40 3.88 15.88
N SER A 604 0.20 4.44 14.71
CA SER A 604 1.25 4.45 13.74
C SER A 604 2.40 5.30 14.16
N TYR A 605 2.12 6.42 14.81
CA TYR A 605 3.17 7.29 15.24
C TYR A 605 3.96 6.57 16.33
N THR A 606 3.28 5.86 17.25
CA THR A 606 3.97 5.13 18.30
C THR A 606 4.87 4.06 17.73
N ILE A 607 4.41 3.31 16.73
CA ILE A 607 5.27 2.30 16.14
C ILE A 607 6.46 3.00 15.54
N PHE A 608 6.27 4.13 14.88
CA PHE A 608 7.40 4.90 14.41
C PHE A 608 8.32 5.24 15.53
N SER A 609 7.82 5.73 16.65
CA SER A 609 8.70 6.08 17.74
C SER A 609 9.50 4.88 18.23
N LEU A 610 8.87 3.72 18.35
CA LEU A 610 9.60 2.55 18.79
C LEU A 610 10.62 2.13 17.79
N VAL A 611 10.28 2.15 16.52
CA VAL A 611 11.20 1.71 15.49
C VAL A 611 12.35 2.66 15.39
N LEU A 612 12.12 3.96 15.48
CA LEU A 612 13.20 4.90 15.38
C LEU A 612 14.15 4.64 16.52
N MET A 613 13.62 4.41 17.71
CA MET A 613 14.44 4.13 18.87
C MET A 613 15.22 2.84 18.70
N HIS A 614 14.63 1.84 18.07
CA HIS A 614 15.31 0.59 17.85
C HIS A 614 16.43 0.81 16.86
N ILE A 615 16.22 1.64 15.84
CA ILE A 615 17.25 1.95 14.86
C ILE A 615 18.40 2.62 15.54
N ILE A 616 18.10 3.55 16.43
CA ILE A 616 19.11 4.24 17.18
C ILE A 616 19.86 3.25 18.05
N ALA A 617 19.16 2.34 18.71
CA ALA A 617 19.80 1.35 19.54
C ALA A 617 20.70 0.42 18.76
N VAL A 618 20.31 0.05 17.55
CA VAL A 618 21.17 -0.80 16.76
C VAL A 618 22.43 -0.05 16.45
N GLY A 619 22.29 1.19 16.05
CA GLY A 619 23.45 1.99 15.75
C GLY A 619 24.32 2.21 16.95
N LEU A 620 23.70 2.41 18.11
CA LEU A 620 24.44 2.68 19.32
C LEU A 620 25.15 1.47 19.86
N PHE A 621 24.54 0.30 19.83
CA PHE A 621 25.24 -0.85 20.32
C PHE A 621 26.43 -1.05 19.43
N GLY A 622 26.30 -0.69 18.15
CA GLY A 622 27.41 -0.74 17.23
C GLY A 622 28.52 0.21 17.70
N LEU A 623 28.18 1.47 17.99
CA LEU A 623 29.13 2.49 18.43
C LEU A 623 29.79 2.19 19.77
N LYS A 624 29.06 1.49 20.63
CA LYS A 624 29.50 1.12 21.97
C LYS A 624 30.23 -0.21 22.00
N GLU A 625 30.57 -0.73 20.83
CA GLU A 625 31.32 -1.94 20.69
C GLU A 625 30.67 -3.16 21.31
N LEU A 626 29.37 -3.31 21.12
CA LEU A 626 28.70 -4.51 21.57
C LEU A 626 27.90 -5.04 20.38
N PRO A 627 28.58 -5.51 19.30
CA PRO A 627 28.02 -5.88 18.01
C PRO A 627 27.06 -7.03 18.09
N VAL A 628 27.14 -7.80 19.16
CA VAL A 628 26.24 -8.91 19.30
C VAL A 628 24.87 -8.36 19.59
N ALA A 629 24.81 -7.35 20.46
CA ALA A 629 23.55 -6.73 20.81
C ALA A 629 23.04 -5.98 19.61
N SER A 630 23.96 -5.42 18.84
CA SER A 630 23.56 -4.66 17.67
C SER A 630 22.83 -5.59 16.73
N SER A 631 23.39 -6.79 16.52
CA SER A 631 22.80 -7.81 15.68
C SER A 631 21.49 -8.39 16.23
N LEU A 632 21.46 -8.69 17.53
CA LEU A 632 20.29 -9.28 18.17
C LEU A 632 19.13 -8.32 18.28
N THR A 633 19.40 -7.03 18.15
CA THR A 633 18.38 -6.02 18.19
C THR A 633 17.73 -5.89 16.81
N ILE A 634 18.30 -6.43 15.72
CA ILE A 634 17.65 -6.27 14.41
C ILE A 634 16.24 -6.86 14.39
N PRO A 635 15.98 -8.05 14.95
CA PRO A 635 14.68 -8.63 15.08
C PRO A 635 13.72 -7.79 15.89
N LEU A 636 14.20 -6.85 16.72
CA LEU A 636 13.27 -6.11 17.51
C LEU A 636 12.42 -5.20 16.63
N PRO A 637 12.97 -4.32 15.74
CA PRO A 637 12.23 -3.56 14.78
C PRO A 637 11.36 -4.44 13.95
N VAL A 638 11.84 -5.65 13.64
CA VAL A 638 11.04 -6.49 12.80
C VAL A 638 9.82 -7.00 13.53
N LEU A 639 9.98 -7.48 14.74
CA LEU A 639 8.85 -7.96 15.50
C LEU A 639 7.89 -6.85 15.79
N THR A 640 8.42 -5.64 16.04
CA THR A 640 7.60 -4.49 16.33
C THR A 640 6.76 -4.15 15.12
N VAL A 641 7.36 -4.19 13.93
CA VAL A 641 6.63 -3.95 12.73
C VAL A 641 5.63 -5.07 12.48
N LEU A 642 6.00 -6.33 12.72
CA LEU A 642 5.03 -7.40 12.52
C LEU A 642 3.87 -7.24 13.49
N PHE A 643 4.13 -6.80 14.70
CA PHE A 643 3.11 -6.50 15.69
C PHE A 643 2.20 -5.44 15.13
N SER A 644 2.80 -4.39 14.57
CA SER A 644 2.03 -3.33 13.99
C SER A 644 1.17 -3.86 12.89
N ILE A 645 1.70 -4.73 12.03
CA ILE A 645 0.92 -5.29 10.94
C ILE A 645 -0.19 -6.12 11.49
N TYR A 646 0.08 -6.91 12.51
CA TYR A 646 -0.97 -7.68 13.12
C TYR A 646 -2.09 -6.74 13.52
N CYS A 647 -1.78 -5.64 14.20
CA CYS A 647 -2.77 -4.65 14.63
C CYS A 647 -3.45 -3.96 13.45
N GLN A 648 -2.72 -3.76 12.36
CA GLN A 648 -3.26 -3.17 11.15
C GLN A 648 -4.29 -4.08 10.53
N ARG A 649 -4.15 -5.38 10.71
CA ARG A 649 -5.14 -6.27 10.19
C ARG A 649 -6.21 -6.62 11.21
N ARG A 650 -5.83 -6.65 12.50
CA ARG A 650 -6.68 -7.07 13.60
C ARG A 650 -7.58 -6.02 14.22
N PHE A 651 -7.11 -4.77 14.29
CA PHE A 651 -7.87 -3.74 14.97
C PHE A 651 -8.16 -2.55 14.10
N LEU A 652 -7.16 -2.06 13.38
CA LEU A 652 -7.32 -0.79 12.71
C LEU A 652 -8.45 -0.65 11.70
N PRO A 653 -8.84 -1.64 10.90
CA PRO A 653 -9.91 -1.51 9.95
C PRO A 653 -11.21 -1.09 10.62
N ASN A 654 -11.37 -1.35 11.91
CA ASN A 654 -12.62 -1.01 12.57
C ASN A 654 -12.72 0.45 12.90
N PHE A 655 -11.66 1.20 12.65
CA PHE A 655 -11.63 2.62 12.86
C PHE A 655 -11.88 3.34 11.56
N LYS A 656 -12.09 2.60 10.49
CA LYS A 656 -12.36 3.22 9.22
C LYS A 656 -13.81 3.01 8.92
N SER A 657 -14.33 1.87 9.33
CA SER A 657 -15.71 1.53 9.11
C SER A 657 -16.17 0.46 10.07
N TYR A 658 -17.46 0.24 10.14
CA TYR A 658 -17.94 -0.84 10.96
C TYR A 658 -18.23 -2.02 10.04
N PRO A 659 -18.02 -3.26 10.49
CA PRO A 659 -18.25 -4.50 9.80
C PRO A 659 -19.69 -4.82 9.65
N THR A 660 -19.99 -5.77 8.78
CA THR A 660 -21.35 -6.19 8.55
C THR A 660 -22.01 -6.68 9.80
N GLN A 661 -21.35 -7.50 10.59
CA GLN A 661 -22.00 -8.00 11.79
C GLN A 661 -22.48 -6.86 12.68
N CYS A 662 -21.63 -5.87 12.88
CA CYS A 662 -21.92 -4.72 13.72
C CYS A 662 -23.02 -3.85 13.15
N LEU A 663 -22.91 -3.50 11.88
CA LEU A 663 -23.88 -2.63 11.28
C LEU A 663 -25.21 -3.27 11.19
N VAL A 664 -25.26 -4.56 10.91
CA VAL A 664 -26.53 -5.21 10.81
C VAL A 664 -27.19 -5.31 12.14
N ASN A 665 -26.45 -5.65 13.20
CA ASN A 665 -27.08 -5.75 14.49
C ASN A 665 -27.70 -4.42 14.89
N LYS A 666 -27.02 -3.33 14.58
CA LYS A 666 -27.55 -2.03 14.88
C LYS A 666 -28.69 -1.64 13.97
N ASP A 667 -28.62 -1.92 12.68
CA ASP A 667 -29.72 -1.54 11.84
C ASP A 667 -30.96 -2.26 12.35
N LYS A 668 -30.83 -3.53 12.75
CA LYS A 668 -31.99 -4.26 13.26
C LYS A 668 -32.46 -3.66 14.56
N ALA A 669 -31.55 -3.24 15.45
CA ALA A 669 -31.99 -2.60 16.69
C ALA A 669 -32.73 -1.31 16.41
N ASP A 670 -32.26 -0.54 15.44
CA ASP A 670 -32.91 0.72 15.17
C ASP A 670 -34.32 0.51 14.69
N GLU A 671 -34.56 -0.58 14.00
CA GLU A 671 -35.90 -0.86 13.51
C GLU A 671 -36.90 -1.06 14.65
N ARG A 672 -36.43 -1.38 15.85
CA ARG A 672 -37.29 -1.60 16.99
C ARG A 672 -37.26 -0.45 18.02
N GLU A 673 -36.09 0.19 18.12
CA GLU A 673 -35.84 1.21 19.15
C GLU A 673 -35.90 2.67 18.74
N GLN A 674 -35.62 3.01 17.48
CA GLN A 674 -35.55 4.41 17.08
C GLN A 674 -36.73 4.82 16.23
N ASN A 675 -37.13 6.07 16.27
CA ASN A 675 -38.21 6.42 15.37
C ASN A 675 -37.65 6.83 14.03
N MET A 676 -37.43 5.83 13.21
CA MET A 676 -36.80 6.01 11.92
C MET A 676 -37.68 6.77 10.97
N SER A 677 -38.99 6.83 11.24
CA SER A 677 -39.85 7.53 10.32
C SER A 677 -39.64 9.03 10.43
N GLU A 678 -39.05 9.50 11.56
CA GLU A 678 -38.77 10.91 11.70
C GLU A 678 -37.34 11.17 11.33
N PHE A 679 -36.47 10.22 11.65
CA PHE A 679 -35.06 10.35 11.30
C PHE A 679 -34.94 10.57 9.82
N TYR A 680 -35.69 9.78 9.05
CA TYR A 680 -35.62 9.89 7.61
C TYR A 680 -36.11 11.23 7.09
N SER A 681 -36.98 11.94 7.81
CA SER A 681 -37.42 13.21 7.30
C SER A 681 -36.35 14.25 7.53
N GLU A 682 -35.53 14.04 8.56
CA GLU A 682 -34.44 14.96 8.81
C GLU A 682 -33.30 14.63 7.86
N LEU A 683 -33.12 13.35 7.59
CA LEU A 683 -32.04 12.87 6.77
C LEU A 683 -32.12 13.45 5.38
N VAL A 684 -33.30 13.46 4.81
CA VAL A 684 -33.45 13.93 3.45
C VAL A 684 -33.17 15.41 3.21
N VAL A 685 -33.11 16.24 4.24
CA VAL A 685 -32.79 17.66 4.06
C VAL A 685 -31.57 18.05 4.86
N ALA A 686 -30.92 17.07 5.45
CA ALA A 686 -29.85 17.34 6.38
C ALA A 686 -28.72 18.07 5.74
N TYR A 687 -28.46 17.80 4.48
CA TYR A 687 -27.32 18.40 3.83
C TYR A 687 -27.69 19.55 2.96
N ARG A 688 -28.90 20.06 3.08
CA ARG A 688 -29.22 21.19 2.26
C ARG A 688 -28.19 22.23 2.54
N ASP A 689 -27.63 22.81 1.49
CA ASP A 689 -26.60 23.82 1.65
C ASP A 689 -27.26 24.98 2.39
N PRO A 690 -26.83 25.34 3.61
CA PRO A 690 -27.46 26.36 4.45
C PRO A 690 -27.11 27.77 4.00
N ALA A 691 -27.58 28.15 2.80
CA ALA A 691 -27.32 29.42 2.12
C ALA A 691 -28.45 29.71 1.11
N LEU B 2 33.55 -8.52 -33.63
CA LEU B 2 32.55 -9.22 -32.84
C LEU B 2 31.25 -9.56 -33.60
N LEU B 3 30.75 -8.75 -34.59
CA LEU B 3 29.45 -9.08 -35.24
C LEU B 3 29.46 -10.43 -35.93
N SER B 4 30.58 -10.81 -36.53
CA SER B 4 30.63 -12.09 -37.18
C SER B 4 30.61 -13.22 -36.16
N ALA B 5 31.06 -12.98 -34.92
CA ALA B 5 31.05 -14.01 -33.91
C ALA B 5 29.64 -14.21 -33.42
N LEU B 6 28.90 -13.11 -33.35
CA LEU B 6 27.52 -13.19 -32.92
C LEU B 6 26.69 -13.89 -33.97
N LEU B 7 26.98 -13.64 -35.24
CA LEU B 7 26.25 -14.33 -36.28
C LEU B 7 26.60 -15.81 -36.25
N THR B 8 27.87 -16.14 -35.94
CA THR B 8 28.27 -17.53 -35.84
C THR B 8 27.51 -18.20 -34.72
N SER B 9 27.38 -17.54 -33.57
CA SER B 9 26.66 -18.10 -32.44
C SER B 9 25.23 -18.38 -32.82
N VAL B 10 24.61 -17.47 -33.57
CA VAL B 10 23.25 -17.72 -33.97
C VAL B 10 23.19 -18.96 -34.85
N GLY B 11 24.12 -19.08 -35.80
CA GLY B 11 24.16 -20.26 -36.67
C GLY B 11 24.35 -21.55 -35.87
N ILE B 12 25.15 -21.50 -34.82
CA ILE B 12 25.38 -22.66 -33.99
C ILE B 12 24.11 -23.02 -33.30
N ASN B 13 23.40 -22.03 -32.75
CA ASN B 13 22.16 -22.32 -32.07
C ASN B 13 21.13 -22.90 -33.01
N LEU B 14 21.09 -22.45 -34.26
CA LEU B 14 20.15 -23.03 -35.19
C LEU B 14 20.52 -24.48 -35.46
N GLY B 15 21.83 -24.76 -35.56
CA GLY B 15 22.28 -26.12 -35.78
C GLY B 15 21.92 -27.00 -34.60
N LEU B 16 22.05 -26.47 -33.39
CA LEU B 16 21.71 -27.25 -32.20
C LEU B 16 20.25 -27.56 -32.20
N CYS B 17 19.41 -26.61 -32.59
CA CYS B 17 17.99 -26.88 -32.61
C CYS B 17 17.71 -28.17 -33.36
N PHE B 18 18.26 -28.28 -34.56
CA PHE B 18 17.98 -29.45 -35.38
C PHE B 18 18.61 -30.72 -34.84
N LEU B 19 19.78 -30.62 -34.23
CA LEU B 19 20.39 -31.81 -33.65
C LEU B 19 19.52 -32.33 -32.53
N PHE B 20 18.94 -31.43 -31.73
CA PHE B 20 18.09 -31.85 -30.64
C PHE B 20 16.78 -32.44 -31.13
N PHE B 21 16.22 -31.89 -32.21
CA PHE B 21 14.99 -32.48 -32.75
C PHE B 21 15.26 -33.90 -33.24
N THR B 22 16.43 -34.10 -33.87
CA THR B 22 16.80 -35.41 -34.36
C THR B 22 16.93 -36.39 -33.20
N LEU B 23 17.60 -35.97 -32.13
CA LEU B 23 17.77 -36.87 -31.00
C LEU B 23 16.45 -37.22 -30.36
N TYR B 24 15.54 -36.26 -30.27
CA TYR B 24 14.23 -36.47 -29.68
C TYR B 24 13.52 -37.64 -30.33
N SER B 25 13.54 -37.67 -31.67
CA SER B 25 12.86 -38.71 -32.46
C SER B 25 13.43 -40.15 -32.30
N ILE B 26 14.65 -40.32 -31.73
CA ILE B 26 15.35 -41.58 -31.55
C ILE B 26 14.93 -42.14 -30.18
N TRP B 65 0.84 -25.08 -40.92
CA TRP B 65 0.37 -24.73 -39.58
C TRP B 65 0.21 -23.22 -39.32
N VAL B 66 0.86 -22.34 -40.12
CA VAL B 66 0.81 -20.88 -39.89
C VAL B 66 -0.55 -20.28 -40.18
N LYS B 67 -1.15 -20.60 -41.33
CA LYS B 67 -2.46 -20.03 -41.62
C LYS B 67 -3.49 -20.48 -40.60
N ARG B 68 -3.34 -21.73 -40.15
CA ARG B 68 -4.27 -22.30 -39.19
C ARG B 68 -4.15 -21.68 -37.80
N ALA B 69 -3.06 -20.96 -37.55
CA ALA B 69 -2.85 -20.32 -36.29
C ALA B 69 -3.26 -18.86 -36.36
N LEU B 70 -2.97 -18.21 -37.48
CA LEU B 70 -3.21 -16.78 -37.64
C LEU B 70 -4.58 -16.34 -38.14
N GLU B 71 -5.28 -17.16 -38.90
CA GLU B 71 -6.55 -16.71 -39.43
C GLU B 71 -7.64 -16.33 -38.40
N PRO B 72 -7.86 -17.05 -37.27
CA PRO B 72 -8.90 -16.73 -36.30
C PRO B 72 -8.74 -15.32 -35.74
N THR B 73 -9.83 -14.60 -35.57
CA THR B 73 -9.68 -13.26 -34.99
C THR B 73 -9.77 -13.29 -33.47
N ASN B 74 -9.60 -12.14 -32.85
CA ASN B 74 -9.61 -12.12 -31.38
C ASN B 74 -10.95 -12.44 -30.78
N ASP B 75 -12.02 -12.22 -31.51
CA ASP B 75 -13.33 -12.56 -31.03
C ASP B 75 -13.48 -14.09 -31.01
N GLU B 76 -12.77 -14.78 -31.91
CA GLU B 76 -12.85 -16.22 -31.95
C GLU B 76 -12.03 -16.75 -30.80
N ILE B 77 -10.96 -16.05 -30.45
CA ILE B 77 -10.16 -16.46 -29.33
C ILE B 77 -10.97 -16.30 -28.05
N LEU B 78 -11.67 -15.18 -27.91
CA LEU B 78 -12.44 -15.00 -26.69
C LEU B 78 -13.55 -16.04 -26.58
N SER B 79 -14.24 -16.35 -27.68
CA SER B 79 -15.29 -17.34 -27.63
C SER B 79 -14.78 -18.77 -27.47
N ASN B 80 -13.66 -19.11 -28.09
CA ASN B 80 -13.17 -20.48 -28.05
C ASN B 80 -12.21 -20.80 -26.91
N LEU B 81 -11.31 -19.88 -26.59
CA LEU B 81 -10.33 -20.13 -25.56
C LEU B 81 -10.58 -19.35 -24.27
N GLY B 82 -11.06 -18.12 -24.40
CA GLY B 82 -11.33 -17.27 -23.25
C GLY B 82 -10.34 -16.13 -23.05
N LEU B 83 -10.55 -15.37 -21.97
CA LEU B 83 -9.77 -14.20 -21.65
C LEU B 83 -8.33 -14.46 -21.30
N ASP B 84 -7.97 -15.62 -20.79
CA ASP B 84 -6.56 -15.72 -20.47
C ASP B 84 -5.80 -15.94 -21.73
N ALA B 85 -6.37 -16.71 -22.64
CA ALA B 85 -5.75 -16.94 -23.92
C ALA B 85 -5.66 -15.64 -24.68
N LEU B 86 -6.70 -14.82 -24.56
CA LEU B 86 -6.71 -13.56 -25.25
C LEU B 86 -5.68 -12.63 -24.71
N VAL B 87 -5.52 -12.55 -23.39
CA VAL B 87 -4.50 -11.69 -22.86
C VAL B 87 -3.16 -12.17 -23.29
N PHE B 88 -2.90 -13.46 -23.25
CA PHE B 88 -1.62 -13.99 -23.63
C PHE B 88 -1.28 -13.54 -25.05
N ILE B 89 -2.24 -13.66 -25.94
CA ILE B 89 -2.05 -13.24 -27.30
C ILE B 89 -1.83 -11.74 -27.38
N ARG B 90 -2.60 -10.93 -26.63
CA ARG B 90 -2.41 -9.49 -26.63
C ARG B 90 -1.07 -9.10 -26.05
N VAL B 91 -0.51 -9.88 -25.14
CA VAL B 91 0.79 -9.54 -24.64
C VAL B 91 1.74 -9.66 -25.80
N PHE B 92 1.61 -10.73 -26.61
CA PHE B 92 2.46 -10.82 -27.79
C PHE B 92 2.21 -9.69 -28.76
N VAL B 93 0.96 -9.29 -28.97
CA VAL B 93 0.69 -8.20 -29.89
C VAL B 93 1.31 -6.91 -29.40
N PHE B 94 1.20 -6.63 -28.11
CA PHE B 94 1.78 -5.46 -27.49
C PHE B 94 3.25 -5.48 -27.72
N SER B 95 3.92 -6.60 -27.44
CA SER B 95 5.33 -6.67 -27.65
C SER B 95 5.70 -6.51 -29.10
N ILE B 96 4.91 -7.04 -30.02
CA ILE B 96 5.24 -6.85 -31.41
C ILE B 96 5.13 -5.38 -31.75
N ARG B 97 4.10 -4.67 -31.32
CA ARG B 97 3.98 -3.24 -31.62
C ARG B 97 5.06 -2.40 -30.96
N VAL B 98 5.43 -2.72 -29.73
CA VAL B 98 6.45 -1.98 -29.03
C VAL B 98 7.75 -2.15 -29.71
N PHE B 99 8.07 -3.37 -30.12
CA PHE B 99 9.33 -3.57 -30.72
C PHE B 99 9.34 -3.38 -32.21
N SER B 100 8.19 -3.33 -32.86
CA SER B 100 8.24 -3.00 -34.26
C SER B 100 8.59 -1.53 -34.31
N PHE B 101 7.99 -0.74 -33.41
CA PHE B 101 8.31 0.68 -33.34
C PHE B 101 9.76 0.88 -32.94
N ALA B 102 10.17 0.25 -31.85
CA ALA B 102 11.51 0.40 -31.35
C ALA B 102 12.52 -0.07 -32.34
N SER B 103 12.23 -1.14 -33.05
CA SER B 103 13.15 -1.68 -34.01
C SER B 103 13.30 -0.70 -35.15
N VAL B 104 12.22 -0.10 -35.63
CA VAL B 104 12.37 0.84 -36.72
C VAL B 104 13.13 2.09 -36.30
N VAL B 105 12.81 2.66 -35.15
CA VAL B 105 13.55 3.85 -34.72
C VAL B 105 14.96 3.48 -34.34
N GLY B 106 15.11 2.42 -33.59
CA GLY B 106 16.39 1.95 -33.15
C GLY B 106 17.30 1.69 -34.31
N ILE B 107 16.85 0.91 -35.27
CA ILE B 107 17.62 0.54 -36.44
C ILE B 107 17.81 1.64 -37.49
N PHE B 108 16.81 2.46 -37.78
CA PHE B 108 17.05 3.45 -38.83
C PHE B 108 17.36 4.86 -38.36
N ILE B 109 17.06 5.21 -37.12
CA ILE B 109 17.33 6.55 -36.64
C ILE B 109 18.48 6.60 -35.66
N LEU B 110 18.45 5.76 -34.64
CA LEU B 110 19.49 5.82 -33.61
C LEU B 110 20.71 5.02 -33.98
N LEU B 111 20.52 3.88 -34.59
CA LEU B 111 21.63 3.02 -34.95
C LEU B 111 22.69 3.77 -35.76
N PRO B 112 22.38 4.54 -36.82
CA PRO B 112 23.34 5.31 -37.58
C PRO B 112 23.97 6.47 -36.80
N VAL B 113 23.37 6.88 -35.69
CA VAL B 113 23.89 7.95 -34.86
C VAL B 113 24.93 7.31 -34.00
N ASN B 114 24.58 6.17 -33.46
CA ASN B 114 25.50 5.41 -32.65
C ASN B 114 26.73 5.01 -33.48
N TYR B 115 26.51 4.67 -34.78
CA TYR B 115 27.49 4.30 -35.75
C TYR B 115 27.72 5.56 -36.58
N LYS B 129 34.13 -4.33 -37.30
CA LYS B 129 32.74 -4.02 -36.95
C LYS B 129 32.28 -4.92 -35.78
N SER B 130 32.53 -4.45 -34.54
CA SER B 130 32.09 -5.10 -33.31
C SER B 130 30.66 -4.68 -32.99
N MET B 131 29.97 -5.39 -32.11
CA MET B 131 28.60 -5.02 -31.77
C MET B 131 28.58 -3.67 -31.10
N ASP B 132 29.64 -3.36 -30.38
CA ASP B 132 29.78 -2.15 -29.62
C ASP B 132 29.73 -0.90 -30.46
N ASN B 133 30.05 -1.00 -31.74
CA ASN B 133 30.12 0.18 -32.56
C ASN B 133 28.75 0.65 -32.96
N PHE B 134 27.75 -0.12 -32.61
CA PHE B 134 26.40 0.19 -32.92
C PHE B 134 25.62 0.60 -31.70
N SER B 135 26.31 0.72 -30.57
CA SER B 135 25.69 1.08 -29.31
C SER B 135 25.89 2.54 -28.98
N ILE B 136 25.16 3.01 -27.98
CA ILE B 136 25.21 4.38 -27.50
C ILE B 136 26.58 4.70 -26.92
N SER B 137 27.32 3.68 -26.57
CA SER B 137 28.64 3.83 -26.01
C SER B 137 29.63 4.33 -27.05
N ASN B 138 29.25 4.32 -28.33
CA ASN B 138 30.10 4.79 -29.40
C ASN B 138 29.79 6.24 -29.76
N VAL B 139 28.95 6.90 -28.96
CA VAL B 139 28.62 8.30 -29.20
C VAL B 139 29.60 9.17 -28.42
N ASN B 140 30.15 10.19 -29.05
CA ASN B 140 31.12 11.03 -28.36
C ASN B 140 30.54 11.67 -27.12
N ASP B 141 31.35 11.73 -26.07
CA ASP B 141 30.93 12.33 -24.82
C ASP B 141 30.60 13.79 -25.07
N GLY B 142 29.48 14.24 -24.53
CA GLY B 142 29.07 15.62 -24.68
C GLY B 142 28.41 15.92 -26.02
N SER B 143 28.24 14.92 -26.86
CA SER B 143 27.68 15.12 -28.18
C SER B 143 26.26 15.59 -28.18
N ASN B 144 25.91 16.44 -29.14
CA ASN B 144 24.56 16.93 -29.25
C ASN B 144 23.64 15.91 -29.91
N LYS B 145 24.21 14.81 -30.35
CA LYS B 145 23.45 13.77 -30.97
C LYS B 145 22.75 12.97 -29.90
N LEU B 146 23.16 13.17 -28.66
CA LEU B 146 22.55 12.51 -27.56
C LEU B 146 21.19 13.11 -27.32
N TRP B 147 20.88 14.25 -27.94
CA TRP B 147 19.56 14.82 -27.79
C TRP B 147 18.57 14.05 -28.66
N ILE B 148 19.08 13.24 -29.59
CA ILE B 148 18.26 12.43 -30.46
C ILE B 148 17.83 11.28 -29.60
N HIS B 149 18.77 10.73 -28.84
CA HIS B 149 18.47 9.65 -27.93
C HIS B 149 17.53 10.15 -26.87
N PHE B 150 17.72 11.38 -26.45
CA PHE B 150 16.86 12.02 -25.49
C PHE B 150 15.47 12.14 -26.06
N CYS B 151 15.31 12.63 -27.28
CA CYS B 151 13.95 12.73 -27.77
C CYS B 151 13.34 11.35 -27.88
N ALA B 152 14.13 10.38 -28.34
CA ALA B 152 13.69 9.03 -28.51
C ALA B 152 13.28 8.42 -27.19
N ILE B 153 13.91 8.77 -26.08
CA ILE B 153 13.52 8.14 -24.84
C ILE B 153 12.13 8.63 -24.45
N TYR B 154 11.80 9.91 -24.70
CA TYR B 154 10.45 10.38 -24.34
C TYR B 154 9.42 9.91 -25.33
N ILE B 155 9.78 9.84 -26.60
CA ILE B 155 8.82 9.40 -27.59
C ILE B 155 8.55 7.96 -27.39
N PHE B 156 9.60 7.16 -27.23
CA PHE B 156 9.44 5.74 -27.03
C PHE B 156 8.64 5.50 -25.80
N THR B 157 8.95 6.18 -24.70
CA THR B 157 8.18 5.98 -23.50
C THR B 157 6.76 6.37 -23.73
N ALA B 158 6.49 7.50 -24.41
CA ALA B 158 5.13 7.91 -24.67
C ALA B 158 4.40 6.89 -25.50
N VAL B 159 5.08 6.28 -26.46
CA VAL B 159 4.49 5.26 -27.30
C VAL B 159 4.19 4.04 -26.48
N VAL B 160 5.10 3.61 -25.62
CA VAL B 160 4.83 2.43 -24.85
C VAL B 160 3.68 2.70 -23.93
N CYS B 161 3.66 3.87 -23.29
CA CYS B 161 2.58 4.21 -22.40
C CYS B 161 1.28 4.31 -23.15
N SER B 162 1.30 4.85 -24.38
CA SER B 162 0.11 4.94 -25.20
C SER B 162 -0.40 3.56 -25.54
N LEU B 163 0.51 2.65 -25.88
CA LEU B 163 0.15 1.29 -26.17
C LEU B 163 -0.40 0.62 -24.93
N LEU B 164 0.16 0.89 -23.74
CA LEU B 164 -0.43 0.31 -22.55
C LEU B 164 -1.80 0.86 -22.34
N TYR B 165 -1.99 2.15 -22.57
CA TYR B 165 -3.28 2.76 -22.38
C TYR B 165 -4.30 2.07 -23.27
N TYR B 166 -3.92 1.88 -24.53
CA TYR B 166 -4.75 1.20 -25.52
C TYR B 166 -5.11 -0.19 -25.07
N GLU B 167 -4.11 -0.97 -24.63
CA GLU B 167 -4.36 -2.32 -24.21
C GLU B 167 -5.23 -2.37 -23.00
N HIS B 168 -5.08 -1.42 -22.09
CA HIS B 168 -5.94 -1.48 -20.95
C HIS B 168 -7.36 -1.28 -21.37
N LYS B 169 -7.61 -0.33 -22.27
CA LYS B 169 -8.98 -0.15 -22.71
C LYS B 169 -9.52 -1.33 -23.51
N TYR B 170 -8.67 -1.90 -24.37
CA TYR B 170 -9.06 -3.00 -25.22
C TYR B 170 -9.40 -4.21 -24.40
N ILE B 171 -8.53 -4.55 -23.46
CA ILE B 171 -8.71 -5.70 -22.64
C ILE B 171 -9.90 -5.52 -21.77
N LEU B 172 -10.07 -4.35 -21.16
CA LEU B 172 -11.26 -4.22 -20.36
C LEU B 172 -12.51 -4.30 -21.19
N THR B 173 -12.53 -3.77 -22.40
CA THR B 173 -13.76 -3.90 -23.17
C THR B 173 -14.09 -5.37 -23.37
N LYS B 174 -13.07 -6.18 -23.66
CA LYS B 174 -13.26 -7.61 -23.85
C LYS B 174 -13.70 -8.30 -22.57
N ARG B 175 -13.18 -7.84 -21.44
CA ARG B 175 -13.53 -8.39 -20.15
C ARG B 175 -14.94 -8.08 -19.73
N ILE B 176 -15.40 -6.87 -19.98
CA ILE B 176 -16.77 -6.53 -19.64
C ILE B 176 -17.69 -7.29 -20.58
N ALA B 177 -17.36 -7.31 -21.88
CA ALA B 177 -18.16 -8.02 -22.85
C ALA B 177 -18.25 -9.50 -22.56
N HIS B 178 -17.15 -10.10 -22.09
CA HIS B 178 -17.13 -11.50 -21.73
C HIS B 178 -18.11 -11.72 -20.63
N LEU B 179 -18.08 -10.88 -19.61
CA LEU B 179 -19.06 -11.06 -18.57
C LEU B 179 -20.44 -10.97 -19.10
N TYR B 180 -20.75 -10.01 -19.95
CA TYR B 180 -22.14 -9.94 -20.34
C TYR B 180 -22.61 -11.11 -21.17
N SER B 181 -21.77 -11.68 -22.03
CA SER B 181 -22.22 -12.80 -22.87
C SER B 181 -22.13 -14.20 -22.26
N SER B 182 -21.32 -14.40 -21.21
CA SER B 182 -21.10 -15.73 -20.65
C SER B 182 -22.24 -16.32 -19.83
N LYS B 183 -22.17 -17.63 -19.62
CA LYS B 183 -23.11 -18.32 -18.77
C LYS B 183 -22.63 -18.19 -17.34
N PRO B 184 -23.50 -18.20 -16.33
CA PRO B 184 -23.14 -18.12 -14.95
C PRO B 184 -22.35 -19.33 -14.56
N GLN B 185 -21.31 -19.14 -13.77
CA GLN B 185 -20.49 -20.24 -13.32
C GLN B 185 -20.57 -20.37 -11.81
N PRO B 186 -20.45 -21.55 -11.19
CA PRO B 186 -20.47 -21.73 -9.75
C PRO B 186 -19.52 -20.83 -8.96
N GLN B 187 -18.38 -20.52 -9.53
CA GLN B 187 -17.40 -19.69 -8.83
C GLN B 187 -17.78 -18.23 -8.76
N GLU B 188 -18.80 -17.81 -9.49
CA GLU B 188 -19.18 -16.42 -9.47
C GLU B 188 -20.12 -16.12 -8.34
N PHE B 189 -20.76 -17.15 -7.82
CA PHE B 189 -21.77 -17.02 -6.81
C PHE B 189 -21.32 -17.63 -5.50
N THR B 190 -20.07 -18.05 -5.43
CA THR B 190 -19.61 -18.76 -4.24
C THR B 190 -18.44 -18.08 -3.58
N VAL B 191 -18.50 -18.04 -2.28
CA VAL B 191 -17.51 -17.47 -1.42
C VAL B 191 -16.88 -18.48 -0.51
N LEU B 192 -15.58 -18.49 -0.41
CA LEU B 192 -14.93 -19.37 0.53
C LEU B 192 -14.70 -18.60 1.78
N VAL B 193 -15.28 -19.10 2.85
CA VAL B 193 -15.25 -18.47 4.13
C VAL B 193 -14.27 -19.23 4.99
N SER B 194 -13.35 -18.56 5.64
CA SER B 194 -12.43 -19.31 6.47
C SER B 194 -12.20 -18.64 7.79
N GLY B 195 -11.75 -19.41 8.77
CA GLY B 195 -11.55 -18.79 10.05
C GLY B 195 -12.90 -18.80 10.74
N VAL B 196 -13.63 -19.86 10.54
CA VAL B 196 -14.93 -19.98 11.13
C VAL B 196 -14.70 -20.19 12.63
N PRO B 197 -15.35 -19.43 13.51
CA PRO B 197 -15.22 -19.49 14.95
C PRO B 197 -15.55 -20.84 15.51
N LEU B 198 -14.90 -21.17 16.60
CA LEU B 198 -15.20 -22.41 17.26
C LEU B 198 -16.19 -22.08 18.33
N VAL B 199 -17.38 -22.59 18.18
CA VAL B 199 -18.46 -22.28 19.08
C VAL B 199 -18.84 -23.53 19.82
N SER B 200 -18.84 -23.46 21.13
CA SER B 200 -19.15 -24.65 21.88
C SER B 200 -20.56 -25.09 21.54
N GLY B 201 -20.74 -26.40 21.41
CA GLY B 201 -22.05 -26.98 21.17
C GLY B 201 -22.48 -26.92 19.72
N ASN B 202 -21.61 -26.43 18.85
CA ASN B 202 -21.93 -26.25 17.45
C ASN B 202 -20.80 -26.71 16.52
N SER B 203 -21.19 -27.24 15.38
CA SER B 203 -20.24 -27.62 14.35
C SER B 203 -19.81 -26.40 13.55
N ILE B 204 -18.80 -26.57 12.71
CA ILE B 204 -18.38 -25.50 11.82
C ILE B 204 -19.52 -25.18 10.88
N SER B 205 -20.21 -26.21 10.44
CA SER B 205 -21.32 -26.01 9.55
C SER B 205 -22.37 -25.11 10.16
N GLU B 206 -22.73 -25.39 11.41
CA GLU B 206 -23.73 -24.60 12.09
C GLU B 206 -23.26 -23.18 12.30
N THR B 207 -22.01 -22.99 12.62
CA THR B 207 -21.51 -21.67 12.83
C THR B 207 -21.60 -20.84 11.54
N VAL B 208 -21.24 -21.42 10.39
CA VAL B 208 -21.29 -20.72 9.09
C VAL B 208 -22.68 -20.40 8.64
N GLU B 209 -23.59 -21.34 8.70
CA GLU B 209 -24.88 -20.98 8.24
C GLU B 209 -25.53 -20.01 9.16
N ASN B 210 -25.26 -20.06 10.45
CA ASN B 210 -25.93 -19.08 11.27
C ASN B 210 -25.41 -17.70 10.98
N PHE B 211 -24.12 -17.55 10.73
CA PHE B 211 -23.60 -16.23 10.42
C PHE B 211 -24.17 -15.68 9.13
N PHE B 212 -24.18 -16.47 8.07
CA PHE B 212 -24.65 -15.93 6.82
C PHE B 212 -26.15 -15.78 6.78
N ARG B 213 -26.89 -16.68 7.41
CA ARG B 213 -28.31 -16.51 7.39
C ARG B 213 -28.70 -15.24 8.11
N GLU B 214 -28.00 -14.92 9.20
CA GLU B 214 -28.30 -13.75 9.98
C GLU B 214 -27.87 -12.45 9.30
N TYR B 215 -26.72 -12.43 8.63
CA TYR B 215 -26.25 -11.18 8.05
C TYR B 215 -26.49 -10.99 6.55
N HIS B 216 -26.75 -12.06 5.82
CA HIS B 216 -26.96 -12.03 4.38
C HIS B 216 -28.22 -12.80 4.05
N SER B 217 -29.29 -12.50 4.77
CA SER B 217 -30.52 -13.27 4.62
C SER B 217 -31.18 -13.14 3.26
N SER B 218 -30.93 -12.05 2.56
CA SER B 218 -31.53 -11.84 1.26
C SER B 218 -30.79 -12.56 0.14
N SER B 219 -29.58 -13.03 0.40
CA SER B 219 -28.80 -13.66 -0.66
C SER B 219 -28.31 -15.07 -0.36
N TYR B 220 -28.30 -15.51 0.89
CA TYR B 220 -27.77 -16.83 1.22
C TYR B 220 -28.56 -18.02 0.66
N LEU B 221 -27.85 -18.99 0.10
CA LEU B 221 -28.44 -20.23 -0.39
C LEU B 221 -28.17 -21.41 0.53
N SER B 222 -26.95 -21.93 0.44
CA SER B 222 -26.49 -23.10 1.18
C SER B 222 -24.99 -23.09 1.27
N HIS B 223 -24.43 -24.05 2.01
CA HIS B 223 -22.98 -24.13 2.13
C HIS B 223 -22.53 -25.55 2.41
N ILE B 224 -21.25 -25.82 2.15
CA ILE B 224 -20.65 -27.10 2.54
C ILE B 224 -19.33 -26.84 3.31
N VAL B 225 -18.92 -27.79 4.20
CA VAL B 225 -17.66 -27.70 4.97
C VAL B 225 -16.64 -28.67 4.35
N PRO B 302 -13.11 -25.78 9.86
CA PRO B 302 -12.90 -24.35 10.14
C PRO B 302 -13.03 -23.42 8.89
N ALA B 303 -13.67 -23.93 7.80
CA ALA B 303 -13.92 -23.22 6.55
C ALA B 303 -15.13 -23.81 5.86
N ALA B 304 -15.75 -23.04 4.99
CA ALA B 304 -16.87 -23.53 4.22
C ALA B 304 -17.06 -22.78 2.92
N PHE B 305 -17.66 -23.42 1.95
CA PHE B 305 -18.03 -22.75 0.71
C PHE B 305 -19.47 -22.34 0.81
N VAL B 306 -19.73 -21.05 0.76
CA VAL B 306 -21.06 -20.48 0.90
C VAL B 306 -21.57 -19.93 -0.40
N SER B 307 -22.74 -20.37 -0.80
CA SER B 307 -23.31 -19.93 -2.06
C SER B 307 -24.32 -18.81 -1.87
N PHE B 308 -24.36 -17.90 -2.85
CA PHE B 308 -25.28 -16.78 -2.91
C PHE B 308 -26.13 -16.77 -4.14
N ARG B 309 -27.29 -16.17 -4.03
CA ARG B 309 -28.20 -16.03 -5.13
C ARG B 309 -27.71 -15.20 -6.27
N THR B 310 -26.92 -14.17 -5.99
CA THR B 310 -26.44 -13.28 -7.05
C THR B 310 -24.96 -13.04 -6.98
N ARG B 311 -24.41 -12.49 -8.06
CA ARG B 311 -23.01 -12.15 -8.08
C ARG B 311 -22.80 -10.96 -7.21
N HIS B 312 -23.78 -10.04 -7.20
CA HIS B 312 -23.66 -8.87 -6.37
C HIS B 312 -23.66 -9.30 -4.91
N GLY B 313 -24.54 -10.24 -4.55
CA GLY B 313 -24.58 -10.70 -3.19
C GLY B 313 -23.23 -11.23 -2.74
N ALA B 314 -22.62 -12.07 -3.57
CA ALA B 314 -21.33 -12.61 -3.21
C ALA B 314 -20.31 -11.51 -3.07
N ALA B 315 -20.38 -10.50 -3.93
CA ALA B 315 -19.44 -9.40 -3.88
C ALA B 315 -19.52 -8.71 -2.55
N ILE B 316 -20.70 -8.60 -1.99
CA ILE B 316 -20.83 -7.94 -0.72
C ILE B 316 -20.16 -8.81 0.33
N ALA B 317 -20.41 -10.11 0.32
CA ALA B 317 -19.79 -10.98 1.30
C ALA B 317 -18.27 -10.93 1.23
N THR B 318 -17.69 -10.79 0.05
CA THR B 318 -16.24 -10.72 -0.06
C THR B 318 -15.64 -9.34 0.03
N ASN B 319 -16.41 -8.28 -0.19
CA ASN B 319 -15.82 -6.96 -0.18
C ASN B 319 -15.95 -6.21 1.13
N ILE B 320 -16.93 -6.55 1.94
CA ILE B 320 -17.12 -5.84 3.19
C ILE B 320 -16.75 -6.72 4.37
N GLN B 321 -15.92 -6.19 5.29
CA GLN B 321 -15.51 -6.96 6.47
C GLN B 321 -16.74 -7.53 7.11
N GLN B 322 -16.68 -8.80 7.48
CA GLN B 322 -17.83 -9.47 8.01
C GLN B 322 -17.95 -9.48 9.52
N GLY B 323 -17.01 -10.03 10.23
CA GLY B 323 -17.21 -10.10 11.67
C GLY B 323 -16.61 -8.91 12.37
N ILE B 324 -16.81 -8.85 13.68
CA ILE B 324 -16.25 -7.78 14.48
C ILE B 324 -14.75 -7.90 14.43
N ASP B 325 -14.31 -9.13 14.55
CA ASP B 325 -12.91 -9.49 14.51
C ASP B 325 -12.51 -9.81 13.08
N PRO B 326 -11.75 -8.98 12.38
CA PRO B 326 -11.41 -9.08 10.98
C PRO B 326 -10.54 -10.25 10.64
N THR B 327 -9.99 -10.94 11.65
CA THR B 327 -9.10 -12.04 11.37
C THR B 327 -9.86 -13.35 11.31
N GLN B 328 -11.16 -13.28 11.53
CA GLN B 328 -12.02 -14.45 11.46
C GLN B 328 -13.22 -14.10 10.59
N TRP B 329 -13.85 -15.12 10.04
CA TRP B 329 -14.89 -14.95 9.04
C TRP B 329 -14.32 -14.23 7.86
N LEU B 330 -13.19 -14.71 7.38
CA LEU B 330 -12.50 -14.14 6.26
C LEU B 330 -13.20 -14.60 5.02
N THR B 331 -13.42 -13.72 4.06
CA THR B 331 -14.08 -14.15 2.85
C THR B 331 -13.27 -13.86 1.59
N GLU B 332 -13.30 -14.82 0.67
CA GLU B 332 -12.62 -14.73 -0.61
C GLU B 332 -13.43 -15.40 -1.71
N ALA B 333 -13.46 -14.85 -2.90
CA ALA B 333 -14.25 -15.53 -3.92
C ALA B 333 -13.71 -16.92 -4.17
N ALA B 334 -14.61 -17.89 -4.31
CA ALA B 334 -14.19 -19.26 -4.55
C ALA B 334 -13.61 -19.40 -5.94
N PRO B 335 -12.61 -20.26 -6.15
CA PRO B 335 -12.03 -20.66 -7.42
C PRO B 335 -12.94 -21.67 -8.01
N GLU B 336 -12.73 -22.07 -9.25
CA GLU B 336 -13.58 -23.12 -9.82
C GLU B 336 -13.52 -24.37 -9.01
N PRO B 337 -14.60 -25.17 -8.94
CA PRO B 337 -14.64 -26.44 -8.26
C PRO B 337 -13.53 -27.38 -8.63
N GLU B 338 -13.12 -27.36 -9.90
CA GLU B 338 -12.05 -28.21 -10.40
C GLU B 338 -10.66 -27.62 -10.19
N ASP B 339 -10.60 -26.40 -9.71
CA ASP B 339 -9.37 -25.70 -9.47
C ASP B 339 -9.13 -25.49 -8.00
N VAL B 340 -9.85 -26.19 -7.15
CA VAL B 340 -9.65 -25.97 -5.73
C VAL B 340 -8.43 -26.71 -5.29
N HIS B 341 -7.56 -26.04 -4.58
CA HIS B 341 -6.39 -26.71 -4.07
C HIS B 341 -6.81 -27.39 -2.79
N TRP B 342 -7.40 -28.55 -2.94
CA TRP B 342 -8.01 -29.24 -1.82
C TRP B 342 -7.11 -29.43 -0.60
N PRO B 343 -5.79 -29.72 -0.71
CA PRO B 343 -4.85 -29.90 0.40
C PRO B 343 -4.82 -28.69 1.33
N PHE B 344 -5.29 -27.55 0.87
CA PHE B 344 -5.35 -26.33 1.65
C PHE B 344 -6.02 -26.54 2.98
N PHE B 345 -7.11 -27.29 2.95
CA PHE B 345 -7.99 -27.51 4.08
C PHE B 345 -7.41 -28.45 5.13
N THR B 346 -6.33 -29.15 4.81
CA THR B 346 -5.70 -30.07 5.73
C THR B 346 -5.06 -29.34 6.90
N ALA B 347 -4.44 -28.22 6.61
CA ALA B 347 -3.73 -27.44 7.61
C ALA B 347 -4.65 -26.54 8.42
N SER B 348 -4.27 -26.33 9.67
CA SER B 348 -4.89 -25.37 10.56
C SER B 348 -4.27 -24.03 10.23
N PHE B 349 -4.79 -22.94 10.80
CA PHE B 349 -4.20 -21.64 10.49
C PHE B 349 -2.76 -21.54 10.93
N VAL B 350 -2.45 -22.04 12.09
CA VAL B 350 -1.08 -21.96 12.52
C VAL B 350 -0.22 -22.83 11.64
N ARG B 351 -0.69 -24.04 11.34
CA ARG B 351 0.12 -24.93 10.53
C ARG B 351 0.43 -24.34 9.15
N ARG B 352 -0.54 -23.68 8.49
CA ARG B 352 -0.23 -23.12 7.18
C ARG B 352 0.63 -21.87 7.30
N TRP B 353 0.52 -21.11 8.40
CA TRP B 353 1.38 -19.95 8.56
C TRP B 353 2.82 -20.44 8.70
N ILE B 354 3.02 -21.57 9.38
CA ILE B 354 4.36 -22.11 9.51
C ILE B 354 4.88 -22.48 8.14
N SER B 355 4.06 -23.12 7.32
CA SER B 355 4.50 -23.49 6.00
C SER B 355 4.79 -22.29 5.12
N ASN B 356 4.03 -21.18 5.21
CA ASN B 356 4.35 -20.09 4.30
C ASN B 356 5.70 -19.46 4.66
N VAL B 357 6.11 -19.59 5.92
CA VAL B 357 7.42 -19.12 6.32
C VAL B 357 8.45 -20.02 5.67
N VAL B 358 8.19 -21.31 5.69
CA VAL B 358 9.11 -22.26 5.05
C VAL B 358 9.21 -21.97 3.56
N VAL B 359 8.09 -21.66 2.90
CA VAL B 359 8.10 -21.35 1.47
C VAL B 359 8.96 -20.15 1.19
N LEU B 360 8.82 -19.10 1.99
CA LEU B 360 9.64 -17.92 1.77
C LEU B 360 11.10 -18.25 1.94
N VAL B 361 11.44 -19.02 2.95
CA VAL B 361 12.82 -19.33 3.16
C VAL B 361 13.37 -20.15 2.01
N ALA B 362 12.63 -21.16 1.58
CA ALA B 362 13.09 -21.99 0.48
C ALA B 362 13.24 -21.16 -0.80
N PHE B 363 12.32 -20.21 -1.05
CA PHE B 363 12.39 -19.32 -2.19
C PHE B 363 13.66 -18.51 -2.17
N VAL B 364 13.96 -17.90 -1.03
CA VAL B 364 15.16 -17.10 -0.94
C VAL B 364 16.38 -17.97 -1.12
N ALA B 365 16.40 -19.16 -0.52
CA ALA B 365 17.52 -20.04 -0.68
C ALA B 365 17.73 -20.41 -2.15
N LEU B 366 16.63 -20.56 -2.90
CA LEU B 366 16.65 -20.88 -4.32
C LEU B 366 17.26 -19.71 -5.10
N LEU B 367 16.88 -18.47 -4.75
CA LEU B 367 17.45 -17.27 -5.38
C LEU B 367 18.97 -17.14 -5.12
N ILE B 368 19.40 -17.46 -3.88
CA ILE B 368 20.77 -17.38 -3.39
C ILE B 368 21.22 -18.81 -3.12
N LEU B 410 28.72 -23.94 -26.75
CA LEU B 410 27.89 -22.93 -26.15
C LEU B 410 27.38 -23.43 -24.76
N PRO B 411 28.16 -23.29 -23.62
CA PRO B 411 27.85 -23.75 -22.24
C PRO B 411 26.64 -23.02 -21.64
N SER B 412 26.24 -21.93 -22.28
CA SER B 412 25.09 -21.17 -21.85
C SER B 412 23.84 -22.00 -22.01
N LEU B 413 23.91 -23.06 -22.83
CA LEU B 413 22.79 -23.94 -22.99
C LEU B 413 22.58 -24.72 -21.71
N ILE B 414 23.65 -25.07 -21.00
CA ILE B 414 23.53 -25.85 -19.79
C ILE B 414 22.77 -25.01 -18.80
N PHE B 415 23.15 -23.75 -18.72
CA PHE B 415 22.48 -22.82 -17.83
C PHE B 415 21.00 -22.77 -18.14
N GLN B 416 20.65 -22.62 -19.41
CA GLN B 416 19.25 -22.58 -19.74
C GLN B 416 18.54 -23.87 -19.42
N LEU B 417 19.19 -25.00 -19.59
CA LEU B 417 18.53 -26.26 -19.31
C LEU B 417 18.22 -26.38 -17.82
N PHE B 418 19.08 -25.86 -16.95
CA PHE B 418 18.77 -25.89 -15.52
C PHE B 418 17.65 -24.91 -15.20
N LEU B 419 17.56 -23.82 -15.93
CA LEU B 419 16.47 -22.90 -15.65
C LEU B 419 15.15 -23.55 -15.97
N LEU B 420 15.13 -24.52 -16.89
CA LEU B 420 13.88 -25.18 -17.24
C LEU B 420 13.24 -25.95 -16.08
N ILE B 421 13.99 -26.25 -15.02
CA ILE B 421 13.37 -26.97 -13.92
C ILE B 421 12.95 -26.02 -12.82
N VAL B 422 13.26 -24.74 -12.95
CA VAL B 422 12.89 -23.84 -11.90
C VAL B 422 11.37 -23.69 -11.82
N PRO B 423 10.61 -23.46 -12.87
CA PRO B 423 9.18 -23.35 -12.77
C PRO B 423 8.58 -24.49 -11.92
N PRO B 424 8.83 -25.82 -12.16
CA PRO B 424 8.39 -26.89 -11.28
C PRO B 424 8.75 -26.66 -9.84
N ILE B 425 9.91 -26.09 -9.58
CA ILE B 425 10.27 -25.86 -8.21
C ILE B 425 9.38 -24.81 -7.62
N MET B 426 9.18 -23.73 -8.37
CA MET B 426 8.38 -22.63 -7.86
C MET B 426 6.94 -23.05 -7.65
N LEU B 427 6.44 -23.94 -8.49
CA LEU B 427 5.08 -24.42 -8.33
C LEU B 427 4.89 -25.30 -7.11
N LEU B 428 5.83 -26.21 -6.87
CA LEU B 428 5.70 -27.09 -5.72
C LEU B 428 5.87 -26.28 -4.46
N LEU B 429 6.73 -25.28 -4.53
CA LEU B 429 7.03 -24.39 -3.46
C LEU B 429 5.81 -23.53 -3.12
N SER B 430 5.14 -22.98 -4.12
CA SER B 430 3.98 -22.15 -3.88
C SER B 430 2.82 -22.98 -3.42
N SER B 431 2.79 -24.26 -3.79
CA SER B 431 1.69 -25.14 -3.40
C SER B 431 1.55 -25.34 -1.91
N MET B 432 2.60 -25.09 -1.14
CA MET B 432 2.50 -25.29 0.29
C MET B 432 2.46 -23.96 1.03
N GLN B 433 2.18 -22.87 0.31
CA GLN B 433 2.16 -21.53 0.90
C GLN B 433 0.80 -21.07 1.45
N GLY B 434 -0.26 -21.87 1.31
CA GLY B 434 -1.56 -21.43 1.82
C GLY B 434 -2.56 -20.89 0.78
N PHE B 435 -2.35 -21.18 -0.48
CA PHE B 435 -3.24 -20.74 -1.54
C PHE B 435 -4.42 -21.64 -1.59
N ILE B 436 -5.53 -21.18 -2.14
CA ILE B 436 -6.72 -22.02 -2.17
C ILE B 436 -7.01 -22.59 -3.53
N SER B 437 -6.20 -22.28 -4.52
CA SER B 437 -6.47 -22.76 -5.87
C SER B 437 -5.24 -22.93 -6.69
N HIS B 438 -5.38 -23.69 -7.77
CA HIS B 438 -4.21 -23.90 -8.61
C HIS B 438 -3.96 -22.64 -9.40
N SER B 439 -4.99 -21.83 -9.66
CA SER B 439 -4.78 -20.58 -10.35
C SER B 439 -3.89 -19.68 -9.54
N GLN B 440 -4.11 -19.63 -8.22
CA GLN B 440 -3.30 -18.81 -7.35
C GLN B 440 -1.92 -19.36 -7.20
N ILE B 441 -1.79 -20.68 -7.18
CA ILE B 441 -0.47 -21.28 -7.07
C ILE B 441 0.35 -20.97 -8.29
N GLU B 442 -0.24 -21.12 -9.48
CA GLU B 442 0.49 -20.84 -10.70
C GLU B 442 0.77 -19.36 -10.85
N LYS B 443 -0.17 -18.49 -10.46
CA LYS B 443 0.06 -17.08 -10.55
C LYS B 443 1.16 -16.71 -9.59
N SER B 444 1.14 -17.30 -8.40
CA SER B 444 2.15 -17.05 -7.41
C SER B 444 3.50 -17.52 -7.92
N ALA B 445 3.54 -18.69 -8.55
CA ALA B 445 4.77 -19.19 -9.11
C ALA B 445 5.24 -18.27 -10.20
N CYS B 446 4.32 -17.72 -10.99
CA CYS B 446 4.65 -16.79 -12.07
C CYS B 446 5.36 -15.60 -11.50
N ILE B 447 4.81 -15.05 -10.42
CA ILE B 447 5.41 -13.89 -9.82
C ILE B 447 6.77 -14.27 -9.28
N LYS B 448 6.89 -15.42 -8.62
CA LYS B 448 8.20 -15.82 -8.11
C LYS B 448 9.21 -15.95 -9.23
N LEU B 449 8.78 -16.46 -10.39
CA LEU B 449 9.66 -16.57 -11.55
C LEU B 449 10.04 -15.22 -12.08
N LEU B 450 9.16 -14.23 -12.03
CA LEU B 450 9.53 -12.90 -12.51
C LEU B 450 10.58 -12.34 -11.60
N ILE B 451 10.43 -12.55 -10.31
CA ILE B 451 11.40 -12.06 -9.35
C ILE B 451 12.71 -12.78 -9.51
N PHE B 452 12.62 -14.09 -9.64
CA PHE B 452 13.76 -14.96 -9.81
C PHE B 452 14.52 -14.61 -11.06
N THR B 453 13.85 -14.47 -12.20
CA THR B 453 14.56 -14.18 -13.43
C THR B 453 15.20 -12.80 -13.40
N VAL B 454 14.51 -11.81 -12.87
CA VAL B 454 15.14 -10.52 -12.83
C VAL B 454 16.36 -10.58 -11.96
N TRP B 455 16.31 -11.24 -10.80
CA TRP B 455 17.47 -11.34 -9.95
C TRP B 455 18.60 -12.21 -10.52
N ASN B 456 18.28 -13.44 -10.91
CA ASN B 456 19.24 -14.44 -11.32
C ASN B 456 19.72 -14.36 -12.77
N SER B 457 19.01 -13.65 -13.63
CA SER B 457 19.47 -13.50 -14.99
C SER B 457 19.89 -12.05 -15.23
N PHE B 458 18.99 -11.09 -15.06
CA PHE B 458 19.42 -9.73 -15.38
C PHE B 458 20.39 -9.18 -14.37
N PHE B 459 20.03 -9.12 -13.10
CA PHE B 459 20.95 -8.48 -12.19
C PHE B 459 22.15 -9.34 -11.93
N ALA B 460 22.01 -10.65 -11.90
CA ALA B 460 23.17 -11.48 -11.71
C ALA B 460 24.22 -11.31 -12.79
N ASN B 461 23.83 -11.06 -14.05
CA ASN B 461 24.83 -10.91 -15.09
C ASN B 461 25.34 -9.49 -15.21
N VAL B 462 24.49 -8.52 -14.89
CA VAL B 462 24.88 -7.13 -14.96
C VAL B 462 25.74 -6.77 -13.76
N LEU B 463 25.26 -7.06 -12.57
CA LEU B 463 25.95 -6.77 -11.34
C LEU B 463 26.75 -7.99 -10.94
N SER B 464 27.72 -8.31 -11.76
CA SER B 464 28.48 -9.50 -11.52
C SER B 464 29.15 -9.43 -10.17
N GLY B 465 29.08 -10.53 -9.43
CA GLY B 465 29.65 -10.58 -8.09
C GLY B 465 28.87 -11.55 -7.21
N SER B 466 29.08 -11.46 -5.91
CA SER B 466 28.42 -12.31 -4.93
C SER B 466 27.00 -11.86 -4.66
N ALA B 467 26.19 -12.72 -4.02
CA ALA B 467 24.84 -12.30 -3.69
C ALA B 467 24.86 -11.13 -2.72
N LEU B 468 25.84 -11.11 -1.81
CA LEU B 468 25.91 -10.02 -0.86
C LEU B 468 26.21 -8.72 -1.56
N TYR B 469 27.13 -8.76 -2.52
CA TYR B 469 27.45 -7.58 -3.28
C TYR B 469 26.22 -7.01 -3.93
N ARG B 470 25.44 -7.86 -4.62
CA ARG B 470 24.27 -7.36 -5.28
C ARG B 470 23.27 -6.77 -4.32
N VAL B 471 23.11 -7.38 -3.16
CA VAL B 471 22.19 -6.81 -2.22
C VAL B 471 22.67 -5.45 -1.78
N ASN B 472 23.95 -5.30 -1.52
CA ASN B 472 24.46 -4.02 -1.09
C ASN B 472 24.27 -2.94 -2.15
N VAL B 473 24.33 -3.31 -3.41
CA VAL B 473 24.13 -2.34 -4.49
C VAL B 473 22.76 -1.71 -4.38
N PHE B 474 21.77 -2.50 -4.05
CA PHE B 474 20.44 -1.94 -4.01
C PHE B 474 20.09 -1.26 -2.70
N LEU B 475 21.04 -1.15 -1.80
CA LEU B 475 20.81 -0.45 -0.55
C LEU B 475 21.30 0.99 -0.65
N GLU B 476 21.81 1.38 -1.82
CA GLU B 476 22.30 2.74 -1.97
C GLU B 476 21.70 3.41 -3.20
N PRO B 477 20.43 3.84 -3.18
CA PRO B 477 19.69 4.35 -4.32
C PRO B 477 20.37 5.47 -5.10
N LYS B 478 21.14 6.32 -4.45
CA LYS B 478 21.75 7.42 -5.17
C LYS B 478 22.83 6.98 -6.16
N THR B 479 23.31 5.75 -6.05
CA THR B 479 24.34 5.29 -6.95
C THR B 479 23.78 4.31 -7.94
N ILE B 480 22.51 3.92 -7.82
CA ILE B 480 22.03 2.89 -8.71
C ILE B 480 22.14 3.32 -10.15
N PRO B 481 21.72 4.52 -10.55
CA PRO B 481 21.79 4.94 -11.92
C PRO B 481 23.16 4.77 -12.53
N ARG B 482 24.24 4.93 -11.77
CA ARG B 482 25.54 4.81 -12.40
C ARG B 482 26.03 3.39 -12.40
N VAL B 483 25.64 2.63 -11.39
CA VAL B 483 26.08 1.27 -11.35
C VAL B 483 25.47 0.54 -12.53
N LEU B 484 24.20 0.78 -12.82
CA LEU B 484 23.58 0.11 -13.94
C LEU B 484 23.95 0.75 -15.26
N ALA B 485 24.05 2.06 -15.35
CA ALA B 485 24.39 2.65 -16.63
C ALA B 485 25.74 2.18 -17.12
N ALA B 486 26.67 1.95 -16.21
CA ALA B 486 27.99 1.48 -16.58
C ALA B 486 28.11 -0.03 -16.70
N ALA B 487 27.07 -0.77 -16.33
CA ALA B 487 27.14 -2.23 -16.29
C ALA B 487 26.27 -2.90 -17.33
N VAL B 488 25.13 -2.31 -17.63
CA VAL B 488 24.18 -2.89 -18.52
C VAL B 488 24.64 -2.93 -19.98
N PRO B 489 25.14 -1.85 -20.62
CA PRO B 489 25.54 -1.82 -22.01
C PRO B 489 26.53 -2.91 -22.39
N ALA B 490 27.39 -3.27 -21.45
CA ALA B 490 28.42 -4.26 -21.63
C ALA B 490 27.87 -5.65 -21.84
N GLN B 491 26.62 -5.87 -21.45
CA GLN B 491 26.00 -7.17 -21.56
C GLN B 491 25.18 -7.30 -22.81
N ALA B 492 25.18 -6.32 -23.69
CA ALA B 492 24.33 -6.46 -24.86
C ALA B 492 24.63 -7.71 -25.67
N SER B 493 25.89 -8.09 -25.79
CA SER B 493 26.23 -9.28 -26.58
C SER B 493 25.80 -10.56 -25.87
N PHE B 494 25.81 -10.51 -24.55
CA PHE B 494 25.39 -11.61 -23.71
C PHE B 494 23.94 -11.85 -23.91
N PHE B 495 23.18 -10.79 -23.87
CA PHE B 495 21.77 -10.91 -23.99
C PHE B 495 21.34 -11.29 -25.39
N VAL B 496 22.09 -10.93 -26.42
CA VAL B 496 21.68 -11.47 -27.71
C VAL B 496 21.79 -12.98 -27.67
N SER B 497 22.90 -13.51 -27.14
CA SER B 497 23.06 -14.94 -27.04
C SER B 497 21.99 -15.56 -26.15
N TYR B 498 21.70 -14.91 -25.02
CA TYR B 498 20.70 -15.37 -24.07
C TYR B 498 19.36 -15.51 -24.73
N VAL B 499 18.95 -14.48 -25.46
CA VAL B 499 17.65 -14.49 -26.11
C VAL B 499 17.59 -15.57 -27.15
N VAL B 500 18.63 -15.74 -27.94
CA VAL B 500 18.60 -16.79 -28.93
C VAL B 500 18.54 -18.17 -28.31
N THR B 501 19.38 -18.43 -27.30
CA THR B 501 19.42 -19.73 -26.65
C THR B 501 18.15 -20.02 -25.91
N SER B 502 17.68 -19.08 -25.10
CA SER B 502 16.47 -19.31 -24.34
C SER B 502 15.28 -19.28 -25.24
N GLY B 503 15.38 -18.57 -26.34
CA GLY B 503 14.32 -18.51 -27.31
C GLY B 503 14.09 -19.88 -27.91
N TRP B 504 15.12 -20.46 -28.56
CA TRP B 504 14.85 -21.77 -29.13
C TRP B 504 14.69 -22.86 -28.11
N THR B 505 15.31 -22.72 -26.94
CA THR B 505 15.15 -23.78 -25.97
C THR B 505 13.71 -23.78 -25.53
N GLY B 506 13.17 -22.60 -25.26
CA GLY B 506 11.82 -22.45 -24.82
C GLY B 506 10.82 -22.94 -25.84
N LEU B 507 10.94 -22.48 -27.07
CA LEU B 507 9.97 -22.89 -28.07
C LEU B 507 10.07 -24.37 -28.43
N SER B 508 11.29 -24.94 -28.52
CA SER B 508 11.36 -26.35 -28.85
C SER B 508 10.91 -27.18 -27.68
N SER B 509 11.19 -26.73 -26.46
CA SER B 509 10.80 -27.46 -25.28
C SER B 509 9.31 -27.57 -25.26
N GLU B 510 8.62 -26.48 -25.55
CA GLU B 510 7.19 -26.55 -25.54
C GLU B 510 6.61 -27.41 -26.66
N ILE B 511 7.14 -27.30 -27.87
CA ILE B 511 6.60 -28.07 -29.00
C ILE B 511 6.73 -29.57 -28.78
N LEU B 512 7.86 -29.99 -28.23
CA LEU B 512 8.17 -31.37 -27.98
C LEU B 512 7.68 -31.85 -26.63
N ARG B 513 7.02 -30.98 -25.87
CA ARG B 513 6.53 -31.28 -24.55
C ARG B 513 7.61 -31.82 -23.63
N LEU B 514 8.76 -31.14 -23.60
CA LEU B 514 9.85 -31.64 -22.78
C LEU B 514 9.64 -31.40 -21.31
N VAL B 515 8.79 -30.44 -20.94
CA VAL B 515 8.54 -30.20 -19.54
C VAL B 515 7.85 -31.37 -18.83
N PRO B 516 6.68 -31.87 -19.28
CA PRO B 516 6.08 -33.05 -18.68
C PRO B 516 6.91 -34.36 -18.84
N LEU B 517 7.79 -34.47 -19.88
CA LEU B 517 8.64 -35.64 -20.10
C LEU B 517 9.82 -35.59 -19.13
N VAL B 536 1.96 -30.77 -13.35
CA VAL B 536 2.40 -29.99 -14.49
C VAL B 536 1.24 -29.00 -14.81
N PRO B 537 1.49 -27.66 -15.11
CA PRO B 537 0.50 -26.65 -15.52
C PRO B 537 -0.25 -27.06 -16.79
N SER B 538 -1.54 -26.75 -16.85
CA SER B 538 -2.39 -27.07 -17.98
C SER B 538 -2.31 -26.06 -19.11
N THR B 539 -1.66 -24.94 -18.81
CA THR B 539 -1.49 -23.81 -19.71
C THR B 539 -0.01 -23.38 -19.66
N PRO B 540 0.50 -22.62 -20.65
CA PRO B 540 1.85 -22.11 -20.68
C PRO B 540 2.08 -20.81 -19.94
N PHE B 541 1.08 -20.28 -19.27
CA PHE B 541 1.16 -18.94 -18.73
C PHE B 541 2.16 -18.78 -17.64
N CYS B 542 2.21 -19.76 -16.77
CA CYS B 542 3.10 -19.72 -15.64
C CYS B 542 4.54 -19.61 -16.08
N GLN B 543 4.90 -20.34 -17.12
CA GLN B 543 6.28 -20.35 -17.59
C GLN B 543 6.60 -19.35 -18.68
N GLU B 544 5.64 -19.10 -19.59
CA GLU B 544 5.88 -18.20 -20.70
C GLU B 544 5.70 -16.74 -20.37
N ILE B 545 4.73 -16.34 -19.54
CA ILE B 545 4.61 -14.91 -19.32
C ILE B 545 5.92 -14.32 -18.85
N PRO B 546 6.66 -14.91 -17.89
CA PRO B 546 7.96 -14.45 -17.49
C PRO B 546 9.03 -14.47 -18.58
N ARG B 547 8.89 -15.25 -19.63
CA ARG B 547 9.89 -15.24 -20.69
C ARG B 547 9.59 -14.05 -21.57
N ILE B 548 8.31 -13.83 -21.82
CA ILE B 548 7.90 -12.75 -22.67
C ILE B 548 8.26 -11.44 -22.01
N LEU B 549 7.91 -11.31 -20.73
CA LEU B 549 8.21 -10.11 -20.00
C LEU B 549 9.67 -9.90 -19.77
N PHE B 550 10.44 -10.94 -19.52
CA PHE B 550 11.85 -10.71 -19.34
C PHE B 550 12.42 -10.19 -20.62
N PHE B 551 12.06 -10.78 -21.73
CA PHE B 551 12.59 -10.32 -22.99
C PHE B 551 12.19 -8.87 -23.22
N GLY B 552 10.97 -8.51 -22.86
CA GLY B 552 10.53 -7.14 -22.99
C GLY B 552 11.39 -6.19 -22.17
N LEU B 553 11.89 -6.65 -21.01
CA LEU B 553 12.75 -5.85 -20.16
C LEU B 553 14.01 -5.51 -20.90
N LEU B 554 14.54 -6.50 -21.61
CA LEU B 554 15.77 -6.33 -22.35
C LEU B 554 15.52 -5.46 -23.56
N GLY B 555 14.38 -5.60 -24.17
CA GLY B 555 14.05 -4.81 -25.32
C GLY B 555 13.99 -3.35 -25.00
N ILE B 556 13.28 -2.99 -23.94
CA ILE B 556 13.15 -1.61 -23.55
C ILE B 556 14.50 -1.06 -23.12
N THR B 557 15.24 -1.81 -22.32
CA THR B 557 16.54 -1.36 -21.85
C THR B 557 17.52 -1.13 -22.98
N TYR B 558 17.57 -2.05 -23.93
CA TYR B 558 18.53 -1.91 -24.99
C TYR B 558 18.06 -1.10 -26.16
N PHE B 559 16.78 -0.75 -26.28
CA PHE B 559 16.41 0.18 -27.34
C PHE B 559 17.25 1.40 -27.21
N PHE B 560 17.29 1.90 -26.01
CA PHE B 560 18.05 3.07 -25.69
C PHE B 560 19.57 2.81 -25.86
N LEU B 561 20.08 1.70 -25.29
CA LEU B 561 21.53 1.49 -25.30
C LEU B 561 22.18 0.76 -26.48
N SER B 562 21.55 -0.25 -27.06
CA SER B 562 22.13 -1.07 -28.12
C SER B 562 21.04 -1.76 -28.97
N PRO B 563 20.52 -1.08 -30.01
CA PRO B 563 19.41 -1.45 -30.86
C PRO B 563 19.54 -2.74 -31.63
N LEU B 564 20.74 -3.30 -31.76
CA LEU B 564 20.87 -4.54 -32.53
C LEU B 564 20.23 -5.74 -31.86
N ILE B 565 19.85 -5.62 -30.60
CA ILE B 565 19.13 -6.72 -29.96
C ILE B 565 17.72 -6.79 -30.47
N LEU B 566 17.17 -5.65 -30.87
CA LEU B 566 15.76 -5.55 -31.12
C LEU B 566 15.21 -6.48 -32.18
N PRO B 567 15.84 -6.73 -33.33
CA PRO B 567 15.36 -7.65 -34.31
C PRO B 567 15.30 -9.08 -33.80
N PHE B 568 16.06 -9.43 -32.76
CA PHE B 568 16.03 -10.80 -32.29
C PHE B 568 14.81 -10.94 -31.46
N LEU B 569 14.54 -9.91 -30.69
CA LEU B 569 13.37 -9.93 -29.87
C LEU B 569 12.15 -9.90 -30.73
N LEU B 570 12.19 -9.14 -31.82
CA LEU B 570 11.04 -9.05 -32.68
C LEU B 570 10.77 -10.37 -33.35
N VAL B 571 11.82 -11.08 -33.78
CA VAL B 571 11.60 -12.40 -34.36
C VAL B 571 11.05 -13.33 -33.34
N TYR B 572 11.58 -13.32 -32.12
CA TYR B 572 11.06 -14.19 -31.10
C TYR B 572 9.60 -13.95 -30.90
N TYR B 573 9.20 -12.69 -30.77
CA TYR B 573 7.81 -12.41 -30.50
C TYR B 573 6.94 -12.79 -31.66
N CYS B 574 7.39 -12.59 -32.89
CA CYS B 574 6.56 -12.97 -34.02
C CYS B 574 6.41 -14.49 -34.10
N LEU B 575 7.48 -15.23 -33.87
CA LEU B 575 7.39 -16.68 -33.89
C LEU B 575 6.57 -17.16 -32.76
N GLY B 576 6.71 -16.52 -31.62
CA GLY B 576 5.96 -16.87 -30.46
C GLY B 576 4.50 -16.67 -30.80
N TYR B 577 4.15 -15.53 -31.31
CA TYR B 577 2.77 -15.26 -31.63
C TYR B 577 2.18 -16.36 -32.51
N ILE B 578 2.87 -16.76 -33.58
CA ILE B 578 2.34 -17.82 -34.44
C ILE B 578 2.24 -19.17 -33.72
N ILE B 579 3.30 -19.53 -33.01
CA ILE B 579 3.39 -20.78 -32.33
C ILE B 579 2.38 -20.90 -31.24
N TYR B 580 2.22 -19.86 -30.44
CA TYR B 580 1.29 -19.89 -29.35
C TYR B 580 -0.11 -19.78 -29.80
N ARG B 581 -0.40 -19.11 -30.89
CA ARG B 581 -1.78 -19.16 -31.29
C ARG B 581 -2.11 -20.62 -31.61
N ASN B 582 -1.18 -21.35 -32.25
CA ASN B 582 -1.42 -22.76 -32.53
C ASN B 582 -1.45 -23.60 -31.28
N GLN B 583 -0.52 -23.39 -30.36
CA GLN B 583 -0.50 -24.22 -29.18
C GLN B 583 -1.73 -23.99 -28.33
N LEU B 584 -2.20 -22.76 -28.22
CA LEU B 584 -3.36 -22.56 -27.38
C LEU B 584 -4.58 -23.21 -28.00
N LEU B 585 -4.72 -23.14 -29.33
CA LEU B 585 -5.88 -23.74 -29.99
C LEU B 585 -5.85 -25.28 -30.08
N ASN B 586 -4.68 -25.87 -30.31
CA ASN B 586 -4.59 -27.30 -30.51
C ASN B 586 -3.86 -28.18 -29.46
N VAL B 587 -3.10 -27.59 -28.54
CA VAL B 587 -2.33 -28.40 -27.60
C VAL B 587 -2.78 -28.31 -26.15
N TYR B 588 -3.01 -27.11 -25.68
CA TYR B 588 -3.32 -26.86 -24.28
C TYR B 588 -4.75 -27.15 -23.87
N ALA B 589 -4.93 -27.45 -22.58
CA ALA B 589 -6.25 -27.77 -22.07
C ALA B 589 -6.41 -27.22 -20.68
N ALA B 590 -6.66 -25.92 -20.60
CA ALA B 590 -6.66 -25.24 -19.32
C ALA B 590 -7.64 -25.84 -18.37
N LYS B 591 -7.25 -25.94 -17.11
CA LYS B 591 -8.15 -26.47 -16.09
C LYS B 591 -8.79 -25.38 -15.26
N TYR B 592 -8.58 -24.14 -15.66
CA TYR B 592 -9.15 -23.01 -14.96
C TYR B 592 -9.24 -21.79 -15.84
N GLU B 593 -10.06 -20.82 -15.43
CA GLU B 593 -10.15 -19.54 -16.06
C GLU B 593 -9.94 -18.45 -15.02
N THR B 594 -9.03 -17.53 -15.30
CA THR B 594 -8.71 -16.43 -14.40
C THR B 594 -9.03 -15.09 -14.98
N GLY B 595 -9.99 -15.03 -15.88
CA GLY B 595 -10.33 -13.76 -16.45
C GLY B 595 -9.10 -13.30 -17.17
N GLY B 596 -8.62 -12.12 -16.83
CA GLY B 596 -7.45 -11.59 -17.46
C GLY B 596 -6.54 -11.12 -16.37
N LYS B 597 -6.49 -11.85 -15.26
CA LYS B 597 -5.72 -11.53 -14.07
C LYS B 597 -4.23 -11.49 -14.25
N PHE B 598 -3.74 -12.01 -15.35
CA PHE B 598 -2.33 -11.89 -15.63
C PHE B 598 -2.03 -10.51 -16.21
N TRP B 599 -3.04 -9.83 -16.77
CA TRP B 599 -2.81 -8.53 -17.37
C TRP B 599 -2.15 -7.53 -16.41
N PRO B 600 -2.59 -7.34 -15.16
CA PRO B 600 -1.97 -6.48 -14.19
C PRO B 600 -0.50 -6.80 -13.97
N ILE B 601 -0.07 -8.04 -14.22
CA ILE B 601 1.32 -8.38 -14.05
C ILE B 601 2.06 -7.75 -15.18
N VAL B 602 1.48 -7.86 -16.37
CA VAL B 602 2.10 -7.33 -17.55
C VAL B 602 2.23 -5.85 -17.45
N HIS B 603 1.18 -5.18 -16.98
CA HIS B 603 1.22 -3.74 -16.81
C HIS B 603 2.29 -3.33 -15.85
N SER B 604 2.31 -3.92 -14.68
CA SER B 604 3.25 -3.52 -13.68
C SER B 604 4.65 -3.86 -14.06
N TYR B 605 4.85 -4.99 -14.71
CA TYR B 605 6.17 -5.37 -15.11
C TYR B 605 6.64 -4.40 -16.18
N THR B 606 5.77 -4.00 -17.12
CA THR B 606 6.14 -3.06 -18.17
C THR B 606 6.52 -1.72 -17.59
N ILE B 607 5.78 -1.22 -16.59
CA ILE B 607 6.16 0.04 -15.99
C ILE B 607 7.51 -0.12 -15.35
N PHE B 608 7.77 -1.24 -14.69
CA PHE B 608 9.10 -1.52 -14.19
C PHE B 608 10.10 -1.46 -15.29
N SER B 609 9.86 -2.10 -16.42
CA SER B 609 10.85 -2.06 -17.48
C SER B 609 11.12 -0.66 -17.96
N LEU B 610 10.08 0.16 -18.09
CA LEU B 610 10.31 1.53 -18.53
C LEU B 610 11.05 2.31 -17.50
N VAL B 611 10.71 2.16 -16.23
CA VAL B 611 11.36 2.91 -15.20
C VAL B 611 12.79 2.49 -15.06
N LEU B 612 13.09 1.21 -15.14
CA LEU B 612 14.46 0.78 -15.01
C LEU B 612 15.26 1.39 -16.12
N MET B 613 14.70 1.40 -17.34
CA MET B 613 15.37 1.99 -18.46
C MET B 613 15.58 3.47 -18.28
N HIS B 614 14.63 4.17 -17.69
CA HIS B 614 14.77 5.57 -17.44
C HIS B 614 15.84 5.82 -16.43
N ILE B 615 15.96 4.96 -15.41
CA ILE B 615 17.00 5.08 -14.40
C ILE B 615 18.34 4.92 -15.06
N ILE B 616 18.45 3.95 -15.94
CA ILE B 616 19.67 3.72 -16.66
C ILE B 616 19.99 4.93 -17.52
N ALA B 617 19.01 5.49 -18.20
CA ALA B 617 19.23 6.66 -19.02
C ALA B 617 19.67 7.85 -18.23
N VAL B 618 19.12 8.04 -17.03
CA VAL B 618 19.56 9.16 -16.22
C VAL B 618 21.01 8.97 -15.87
N GLY B 619 21.37 7.76 -15.47
CA GLY B 619 22.74 7.48 -15.13
C GLY B 619 23.65 7.63 -16.31
N LEU B 620 23.19 7.20 -17.49
CA LEU B 620 24.00 7.25 -18.67
C LEU B 620 24.20 8.65 -19.20
N PHE B 621 23.18 9.48 -19.19
CA PHE B 621 23.38 10.82 -19.68
C PHE B 621 24.38 11.47 -18.75
N GLY B 622 24.36 11.08 -17.48
CA GLY B 622 25.34 11.56 -16.52
C GLY B 622 26.75 11.12 -16.97
N LEU B 623 26.93 9.83 -17.26
CA LEU B 623 28.22 9.27 -17.67
C LEU B 623 28.73 9.82 -18.99
N LYS B 624 27.82 10.18 -19.88
CA LYS B 624 28.11 10.70 -21.21
C LYS B 624 28.26 12.21 -21.22
N GLU B 625 28.34 12.81 -20.04
CA GLU B 625 28.55 14.22 -19.89
C GLU B 625 27.49 15.09 -20.54
N LEU B 626 26.22 14.73 -20.38
CA LEU B 626 25.15 15.56 -20.85
C LEU B 626 24.17 15.72 -19.69
N PRO B 627 24.58 16.43 -18.60
CA PRO B 627 23.89 16.53 -17.33
C PRO B 627 22.56 17.21 -17.44
N VAL B 628 22.36 17.95 -18.50
CA VAL B 628 21.10 18.62 -18.68
C VAL B 628 20.06 17.58 -18.99
N ALA B 629 20.42 16.63 -19.85
CA ALA B 629 19.53 15.56 -20.24
C ALA B 629 19.32 14.67 -19.04
N SER B 630 20.37 14.51 -18.26
CA SER B 630 20.26 13.65 -17.09
C SER B 630 19.21 14.22 -16.17
N SER B 631 19.24 15.52 -15.95
CA SER B 631 18.28 16.24 -15.13
C SER B 631 16.86 16.26 -15.71
N LEU B 632 16.75 16.53 -17.02
CA LEU B 632 15.45 16.61 -17.70
C LEU B 632 14.77 15.27 -17.83
N THR B 633 15.53 14.20 -17.69
CA THR B 633 14.98 12.87 -17.74
C THR B 633 14.40 12.48 -16.39
N ILE B 634 14.69 13.20 -15.28
CA ILE B 634 14.12 12.79 -13.99
C ILE B 634 12.59 12.77 -14.02
N PRO B 635 11.90 13.76 -14.58
CA PRO B 635 10.48 13.79 -14.76
C PRO B 635 9.95 12.64 -15.59
N LEU B 636 10.78 11.97 -16.38
CA LEU B 636 10.23 10.93 -17.20
C LEU B 636 9.79 9.75 -16.33
N PRO B 637 10.62 9.16 -15.43
CA PRO B 637 10.21 8.17 -14.48
C PRO B 637 9.06 8.63 -13.67
N VAL B 638 9.00 9.93 -13.36
CA VAL B 638 7.91 10.38 -12.55
C VAL B 638 6.61 10.38 -13.31
N LEU B 639 6.61 10.88 -14.53
CA LEU B 639 5.39 10.88 -15.30
C LEU B 639 4.97 9.48 -15.63
N THR B 640 5.93 8.58 -15.85
CA THR B 640 5.63 7.21 -16.16
C THR B 640 4.97 6.55 -14.97
N VAL B 641 5.48 6.82 -13.77
CA VAL B 641 4.86 6.31 -12.57
C VAL B 641 3.50 6.94 -12.35
N LEU B 642 3.34 8.24 -12.59
CA LEU B 642 2.03 8.85 -12.43
C LEU B 642 1.05 8.25 -13.42
N PHE B 643 1.50 7.95 -14.63
CA PHE B 643 0.69 7.28 -15.63
C PHE B 643 0.27 5.95 -15.10
N SER B 644 1.21 5.22 -14.51
CA SER B 644 0.91 3.94 -13.95
C SER B 644 -0.12 4.07 -12.87
N ILE B 645 0.01 5.08 -12.00
CA ILE B 645 -0.95 5.29 -10.94
C ILE B 645 -2.29 5.61 -11.53
N TYR B 646 -2.32 6.45 -12.54
CA TYR B 646 -3.57 6.74 -13.18
C TYR B 646 -4.24 5.45 -13.61
N CYS B 647 -3.49 4.55 -14.28
CA CYS B 647 -4.00 3.26 -14.73
C CYS B 647 -4.38 2.36 -13.56
N GLN B 648 -3.67 2.46 -12.45
CA GLN B 648 -3.96 1.70 -11.24
C GLN B 648 -5.28 2.12 -10.66
N ARG B 649 -5.65 3.36 -10.84
CA ARG B 649 -6.94 3.80 -10.34
C ARG B 649 -8.02 3.69 -11.40
N ARG B 650 -7.66 3.89 -12.67
CA ARG B 650 -8.57 3.95 -13.80
C ARG B 650 -8.97 2.62 -14.44
N PHE B 651 -8.05 1.66 -14.49
CA PHE B 651 -8.32 0.42 -15.19
C PHE B 651 -8.15 -0.80 -14.32
N LEU B 652 -7.05 -0.85 -13.58
CA LEU B 652 -6.72 -2.09 -12.90
C LEU B 652 -7.72 -2.67 -11.92
N PRO B 653 -8.49 -1.91 -11.13
CA PRO B 653 -9.44 -2.46 -10.21
C PRO B 653 -10.47 -3.36 -10.91
N ASN B 654 -10.67 -3.17 -12.21
CA ASN B 654 -11.67 -3.97 -12.88
C ASN B 654 -11.19 -5.36 -13.22
N PHE B 655 -9.91 -5.62 -12.94
CA PHE B 655 -9.33 -6.92 -13.14
C PHE B 655 -9.30 -7.69 -11.84
N LYS B 656 -9.82 -7.09 -10.78
CA LYS B 656 -9.86 -7.78 -9.52
C LYS B 656 -11.28 -8.16 -9.26
N SER B 657 -12.20 -7.30 -9.69
CA SER B 657 -13.60 -7.53 -9.50
C SER B 657 -14.41 -6.74 -10.48
N TYR B 658 -15.69 -7.04 -10.58
CA TYR B 658 -16.54 -6.24 -11.42
C TYR B 658 -17.30 -5.27 -10.52
N PRO B 659 -17.57 -4.05 -10.96
CA PRO B 659 -18.30 -2.99 -10.28
C PRO B 659 -19.74 -3.27 -10.17
N THR B 660 -20.42 -2.52 -9.32
CA THR B 660 -21.84 -2.67 -9.11
C THR B 660 -22.60 -2.49 -10.40
N GLN B 661 -22.30 -1.46 -11.16
CA GLN B 661 -23.07 -1.25 -12.38
C GLN B 661 -23.04 -2.47 -13.29
N CYS B 662 -21.86 -3.05 -13.46
CA CYS B 662 -21.66 -4.22 -14.30
C CYS B 662 -22.34 -5.46 -13.75
N LEU B 663 -22.12 -5.74 -12.47
CA LEU B 663 -22.69 -6.93 -11.90
C LEU B 663 -24.17 -6.86 -11.84
N VAL B 664 -24.72 -5.69 -11.57
CA VAL B 664 -26.16 -5.59 -11.51
C VAL B 664 -26.77 -5.76 -12.86
N ASN B 665 -26.20 -5.15 -13.89
CA ASN B 665 -26.78 -5.29 -15.21
C ASN B 665 -26.81 -6.76 -15.61
N LYS B 666 -25.77 -7.50 -15.27
CA LYS B 666 -25.74 -8.91 -15.59
C LYS B 666 -26.65 -9.72 -14.71
N ASP B 667 -26.73 -9.44 -13.42
CA ASP B 667 -27.63 -10.23 -12.61
C ASP B 667 -29.03 -10.05 -13.15
N LYS B 668 -29.39 -8.82 -13.54
CA LYS B 668 -30.72 -8.61 -14.09
C LYS B 668 -30.90 -9.34 -15.41
N ALA B 669 -29.88 -9.37 -16.26
CA ALA B 669 -30.00 -10.11 -17.50
C ALA B 669 -30.17 -11.59 -17.23
N ASP B 670 -29.46 -12.13 -16.26
CA ASP B 670 -29.57 -13.53 -16.00
C ASP B 670 -30.96 -13.91 -15.55
N GLU B 671 -31.63 -13.00 -14.87
CA GLU B 671 -32.98 -13.27 -14.43
C GLU B 671 -33.96 -13.47 -15.59
N ARG B 672 -33.61 -12.98 -16.78
CA ARG B 672 -34.48 -13.11 -17.95
C ARG B 672 -33.95 -14.15 -18.96
N GLU B 673 -32.63 -14.29 -19.03
CA GLU B 673 -31.97 -15.12 -20.05
C GLU B 673 -31.46 -16.49 -19.63
N GLN B 674 -31.10 -16.70 -18.36
CA GLN B 674 -30.49 -17.96 -17.96
C GLN B 674 -31.44 -18.80 -17.14
N ASN B 675 -31.31 -20.11 -17.18
CA ASN B 675 -32.19 -20.86 -16.30
C ASN B 675 -31.55 -21.03 -14.95
N MET B 676 -31.76 -20.02 -14.13
CA MET B 676 -31.15 -19.95 -12.82
C MET B 676 -31.68 -21.01 -11.90
N SER B 677 -32.85 -21.56 -12.20
CA SER B 677 -33.39 -22.56 -11.29
C SER B 677 -32.60 -23.86 -11.39
N GLU B 678 -31.85 -24.04 -12.49
CA GLU B 678 -31.04 -25.23 -12.63
C GLU B 678 -29.62 -24.90 -12.22
N PHE B 679 -29.18 -23.69 -12.53
CA PHE B 679 -27.86 -23.26 -12.15
C PHE B 679 -27.70 -23.42 -10.66
N TYR B 680 -28.71 -22.99 -9.90
CA TYR B 680 -28.65 -23.07 -8.47
C TYR B 680 -28.58 -24.50 -7.95
N SER B 681 -29.08 -25.49 -8.69
CA SER B 681 -29.00 -26.84 -8.18
C SER B 681 -27.59 -27.36 -8.38
N GLU B 682 -26.90 -26.85 -9.40
CA GLU B 682 -25.53 -27.25 -9.60
C GLU B 682 -24.65 -26.51 -8.63
N LEU B 683 -24.98 -25.27 -8.37
CA LEU B 683 -24.20 -24.41 -7.52
C LEU B 683 -24.08 -24.99 -6.13
N VAL B 684 -25.18 -25.46 -5.59
CA VAL B 684 -25.17 -25.96 -4.23
C VAL B 684 -24.33 -27.20 -3.97
N VAL B 685 -23.93 -27.94 -5.00
CA VAL B 685 -23.08 -29.12 -4.80
C VAL B 685 -21.78 -28.99 -5.57
N ALA B 686 -21.55 -27.83 -6.16
CA ALA B 686 -20.44 -27.65 -7.04
C ALA B 686 -19.14 -27.88 -6.37
N TYR B 687 -19.03 -27.54 -5.12
CA TYR B 687 -17.76 -27.65 -4.43
C TYR B 687 -17.67 -28.85 -3.56
N ARG B 688 -18.58 -29.80 -3.72
CA ARG B 688 -18.45 -30.97 -2.90
C ARG B 688 -17.09 -31.52 -3.14
N ASP B 689 -16.37 -31.83 -2.08
CA ASP B 689 -15.02 -32.36 -2.21
C ASP B 689 -15.15 -33.68 -2.96
N PRO B 690 -14.59 -33.83 -4.16
CA PRO B 690 -14.75 -35.01 -5.02
C PRO B 690 -13.87 -36.18 -4.54
N ALA B 691 -14.20 -36.72 -3.35
CA ALA B 691 -13.47 -37.78 -2.65
C ALA B 691 -14.42 -38.50 -1.68
C1 CLR C . -0.32 6.28 8.92
C2 CLR C . -1.85 6.03 8.57
C3 CLR C . -2.82 6.89 9.41
C4 CLR C . -2.35 8.43 9.40
C5 CLR C . -0.78 8.82 9.76
C6 CLR C . -0.33 9.83 10.59
C7 CLR C . 1.23 10.15 10.91
C8 CLR C . 2.27 9.40 9.98
C9 CLR C . 1.77 7.87 9.72
C10 CLR C . 0.22 7.81 9.02
C11 CLR C . 2.89 6.91 9.08
C12 CLR C . 4.46 7.26 9.24
C13 CLR C . 4.82 8.79 9.27
C14 CLR C . 3.88 9.50 10.34
C15 CLR C . 4.63 10.87 10.63
C16 CLR C . 6.13 10.72 10.20
C17 CLR C . 6.34 9.24 9.74
C18 CLR C . 4.58 9.30 7.78
C19 CLR C . 0.27 8.35 7.53
C20 CLR C . 7.58 8.92 8.72
C21 CLR C . 8.70 8.04 9.33
C22 CLR C . 8.22 10.17 7.93
C23 CLR C . 9.14 11.17 8.75
C24 CLR C . 10.69 11.19 8.45
C25 CLR C . 11.43 12.59 8.26
C26 CLR C . 12.94 12.34 7.98
C27 CLR C . 10.78 13.54 7.17
O1 CLR C . -4.12 6.72 8.83
C1 CLR D . 2.28 1.19 7.28
C2 CLR D . 0.76 1.52 6.97
C3 CLR D . -0.15 1.61 8.23
C4 CLR D . 0.62 2.25 9.53
C5 CLR D . 2.26 2.14 9.78
C6 CLR D . 2.89 2.10 11.01
C7 CLR D . 4.48 2.00 11.19
C8 CLR D . 5.34 2.40 9.91
C9 CLR D . 4.70 1.68 8.59
C10 CLR D . 3.05 2.10 8.39
C11 CLR D . 5.66 1.82 7.30
C12 CLR D . 7.26 1.91 7.50
C13 CLR D . 7.75 2.80 8.73
C14 CLR D . 6.98 2.29 10.01
C15 CLR D . 7.83 2.95 11.19
C16 CLR D . 9.26 3.32 10.65
C17 CLR D . 9.33 2.68 9.21
C18 CLR D . 7.43 4.30 8.31
C19 CLR D . 2.99 3.57 7.82
C20 CLR D . 10.52 3.22 8.22
C21 CLR D . 11.67 2.17 8.07
C22 CLR D . 11.12 4.70 8.48
C23 CLR D . 12.26 4.88 9.57
C24 CLR D . 12.35 6.25 10.37
C25 CLR D . 13.36 7.43 9.91
C26 CLR D . 14.85 6.95 9.93
C27 CLR D . 13.00 8.07 8.51
O1 CLR D . -1.29 2.42 7.88
C1 PLM E . 21.54 -2.07 8.88
O1 PLM E . 21.37 -2.40 7.68
O2 PLM E . 22.53 -1.52 9.36
C2 PLM E . 20.37 -2.41 9.83
C3 PLM E . 19.04 -1.73 9.39
C4 PLM E . 17.83 -2.35 10.12
C5 PLM E . 16.47 -1.70 9.77
C6 PLM E . 15.29 -2.60 10.21
C7 PLM E . 13.94 -1.84 10.34
C8 PLM E . 13.31 -1.46 8.97
C9 PLM E . 11.85 -1.91 8.84
CA PLM E . 11.73 -3.40 8.45
CB PLM E . 10.26 -3.88 8.45
CC PLM E . 10.08 -5.26 7.76
CD PLM E . 8.60 -5.70 7.79
CE PLM E . 8.34 -6.99 6.99
CF PLM E . 6.82 -7.30 6.97
CG PLM E . 6.51 -8.62 6.26
C1 PLM F . -2.68 10.91 4.57
O1 PLM F . -2.87 12.13 4.27
O2 PLM F . -3.38 10.25 5.34
C2 PLM F . -1.47 10.24 3.89
C3 PLM F . -0.16 10.75 4.53
C4 PLM F . 1.10 10.15 3.86
C5 PLM F . 2.32 10.07 4.81
C6 PLM F . 3.66 10.02 4.07
C7 PLM F . 4.18 11.44 3.74
C8 PLM F . 5.52 11.40 2.98
C9 PLM F . 6.73 11.33 3.93
CA PLM F . 8.05 11.19 3.13
CB PLM F . 9.28 11.55 3.98
CC PLM F . 10.60 11.25 3.23
CD PLM F . 11.83 11.56 4.12
CE PLM F . 13.15 11.02 3.54
CF PLM F . 13.93 12.04 2.67
CG PLM F . 14.98 11.38 1.76
C1 PLM G . -4.19 4.89 4.78
O1 PLM G . -4.48 5.35 3.64
O2 PLM G . -4.97 4.83 5.76
C2 PLM G . -2.74 4.35 4.95
C3 PLM G . -1.69 5.39 4.48
C4 PLM G . -0.25 4.89 4.78
C5 PLM G . 0.86 5.79 4.19
C6 PLM G . 2.25 5.31 4.68
C7 PLM G . 3.42 6.03 3.99
C8 PLM G . 4.78 5.39 4.36
C9 PLM G . 5.96 6.34 4.04
CA PLM G . 7.33 5.65 4.23
CB PLM G . 8.49 6.67 4.21
CC PLM G . 9.87 5.99 4.34
CD PLM G . 11.02 7.02 4.42
CE PLM G . 12.40 6.33 4.54
CF PLM G . 13.57 7.35 4.66
CG PLM G . 14.86 6.69 5.17
C1 PLM H . -0.40 -5.68 5.28
O1 PLM H . -1.62 -5.68 5.64
O2 PLM H . 0.12 -6.51 4.54
C2 PLM H . 0.48 -4.55 5.88
C3 PLM H . 0.76 -3.44 4.84
C4 PLM H . 1.77 -2.38 5.37
C5 PLM H . 3.25 -2.82 5.20
C6 PLM H . 4.22 -1.85 5.94
C7 PLM H . 5.71 -2.15 5.68
C8 PLM H . 6.19 -1.57 4.33
C9 PLM H . 7.73 -1.65 4.15
CA PLM H . 8.46 -0.48 4.85
CB PLM H . 9.96 -0.40 4.48
CC PLM H . 10.22 0.32 3.12
CD PLM H . 10.26 1.88 3.22
CE PLM H . 11.69 2.48 3.11
CF PLM H . 12.43 2.49 4.46
CG PLM H . 13.90 2.94 4.33
C1 PLM I . -7.84 6.61 33.80
O1 PLM I . -8.18 7.74 33.33
O2 PLM I . -8.24 5.51 33.38
C2 PLM I . -6.87 6.64 34.99
C3 PLM I . -5.42 6.44 34.50
C4 PLM I . -4.41 6.19 35.65
C5 PLM I . -3.04 5.73 35.14
C6 PLM I . -2.10 5.30 36.29
C7 PLM I . -0.92 4.44 35.78
C8 PLM I . 0.06 4.02 36.89
C9 PLM I . 1.08 2.99 36.35
CA PLM I . 2.15 2.59 37.39
CB PLM I . 3.11 1.54 36.79
CC PLM I . 4.28 1.18 37.74
CD PLM I . 5.22 0.13 37.10
CE PLM I . 6.43 -0.21 37.99
CF PLM I . 7.39 -1.22 37.32
CG PLM I . 8.46 -0.56 36.44
C1 PLM J . -3.27 12.50 39.16
O1 PLM J . -3.85 11.88 40.10
O2 PLM J . -2.37 13.34 39.29
C2 PLM J . -3.77 12.13 37.74
C3 PLM J . -2.62 11.64 36.84
C4 PLM J . -2.13 10.20 37.16
C5 PLM J . -0.95 10.17 38.15
C6 PLM J . -0.27 8.79 38.18
C7 PLM J . 1.05 8.79 39.00
C8 PLM J . 2.23 9.37 38.19
C9 PLM J . 3.51 9.49 39.04
CA PLM J . 4.35 8.19 39.01
CB PLM J . 5.73 8.41 39.64
CC PLM J . 6.71 7.26 39.35
CD PLM J . 8.05 7.44 40.09
CE PLM J . 8.91 8.62 39.55
CF PLM J . 10.43 8.36 39.72
CG PLM J . 10.98 7.42 38.63
C1 PLM K . -5.99 -14.68 21.01
O1 PLM K . -6.87 -14.11 20.29
O2 PLM K . -6.21 -15.43 21.97
C2 PLM K . -4.52 -14.39 20.61
C3 PLM K . -3.76 -13.73 21.78
C4 PLM K . -2.28 -13.39 21.41
C5 PLM K . -2.12 -11.98 20.77
C6 PLM K . -0.74 -11.77 20.11
C7 PLM K . -0.68 -12.32 18.67
C8 PLM K . 0.70 -12.17 18.02
C9 PLM K . 1.03 -10.70 17.63
CA PLM K . 2.19 -10.60 16.63
CB PLM K . 3.57 -10.57 17.32
CC PLM K . 4.72 -10.80 16.32
CD PLM K . 5.02 -12.30 16.11
CE PLM K . 5.87 -12.56 14.85
CF PLM K . 6.55 -13.95 14.86
CG PLM K . 7.48 -14.14 13.66
C1 PLM L . -5.31 -12.42 27.28
O1 PLM L . -6.26 -12.03 26.54
O2 PLM L . -5.35 -12.55 28.52
C2 PLM L . -3.99 -12.77 26.56
C3 PLM L . -3.31 -11.49 26.02
C4 PLM L . -1.95 -11.79 25.33
C5 PLM L . -1.37 -10.55 24.59
C6 PLM L . 0.00 -10.87 23.93
C7 PLM L . 0.47 -9.75 22.96
C8 PLM L . 1.22 -8.61 23.68
C9 PLM L . 2.75 -8.68 23.49
CA PLM L . 3.21 -8.14 22.11
CB PLM L . 4.73 -7.93 22.04
CC PLM L . 5.19 -7.53 20.62
CD PLM L . 6.62 -6.95 20.59
CE PLM L . 7.71 -8.03 20.63
CF PLM L . 9.14 -7.41 20.68
CG PLM L . 9.57 -7.02 22.10
C1 CLR M . 2.40 -5.85 -8.90
C2 CLR M . 0.89 -6.23 -8.58
C3 CLR M . 0.35 -7.40 -9.45
C4 CLR M . 1.40 -8.64 -9.41
C5 CLR M . 3.01 -8.36 -9.73
C6 CLR M . 3.84 -9.11 -10.54
C7 CLR M . 5.39 -8.79 -10.83
C8 CLR M . 6.04 -7.69 -9.87
C9 CLR M . 4.98 -6.49 -9.63
C10 CLR M . 3.51 -7.05 -8.98
C11 CLR M . 5.61 -5.17 -8.96
C12 CLR M . 7.19 -4.87 -9.09
C13 CLR M . 8.13 -6.14 -9.11
C14 CLR M . 7.56 -7.15 -10.19
C15 CLR M . 8.80 -8.12 -10.44
C16 CLR M . 10.11 -7.40 -9.99
C17 CLR M . 9.71 -5.94 -9.53
C18 CLR M . 8.06 -6.71 -7.62
C19 CLR M . 3.72 -7.53 -7.48
C20 CLR M . 10.70 -5.18 -8.47
C21 CLR M . 11.40 -3.91 -9.06
C22 CLR M . 11.77 -6.07 -7.67
C23 CLR M . 13.01 -6.63 -8.46
C24 CLR M . 14.45 -6.02 -8.12
C25 CLR M . 15.66 -7.04 -7.89
C26 CLR M . 16.96 -6.21 -7.58
C27 CLR M . 15.42 -8.17 -6.82
O1 CLR M . -0.92 -7.76 -8.89
C1 CLR N . 2.75 -0.14 -7.21
C2 CLR N . 1.47 -1.06 -6.94
C3 CLR N . 0.71 -1.50 -8.22
C4 CLR N . 1.70 -1.77 -9.50
C5 CLR N . 3.16 -1.03 -9.71
C6 CLR N . 3.77 -0.73 -10.91
C7 CLR N . 5.20 -0.01 -11.07
C8 CLR N . 6.09 -0.06 -9.77
C9 CLR N . 5.20 0.35 -8.47
C10 CLR N . 3.85 -0.68 -8.30
C11 CLR N . 6.11 0.59 -7.15
C12 CLR N . 7.63 1.13 -7.30
C13 CLR N . 8.45 0.53 -8.51
C14 CLR N . 7.58 0.69 -9.83
C15 CLR N . 8.64 0.44 -10.97
C16 CLR N . 10.08 0.65 -10.39
C17 CLR N . 9.87 1.25 -8.95
C18 CLR N . 8.73 -0.99 -8.10
C19 CLR N . 4.36 -2.07 -7.73
C20 CLR N . 11.15 1.22 -7.93
C21 CLR N . 11.78 2.64 -7.76
C22 CLR N . 12.29 0.10 -8.17
C23 CLR N . 13.44 0.39 -9.23
C24 CLR N . 14.08 -0.83 -10.02
C25 CLR N . 15.45 -1.51 -9.51
C26 CLR N . 16.62 -0.49 -9.51
C27 CLR N . 15.35 -2.26 -8.13
O1 CLR N . -0.03 -2.69 -7.90
C1 PLM O . 19.20 10.42 -8.34
O1 PLM O . 18.88 10.66 -7.14
O2 PLM O . 20.34 10.32 -8.79
C2 PLM O . 18.01 10.28 -9.32
C3 PLM O . 17.06 9.14 -8.91
C4 PLM O . 15.72 9.24 -9.68
C5 PLM O . 14.72 8.10 -9.36
C6 PLM O . 13.29 8.46 -9.83
C7 PLM O . 12.35 7.24 -9.99
C8 PLM O . 11.89 6.63 -8.63
C9 PLM O . 10.36 6.47 -8.55
CA PLM O . 9.65 7.79 -8.16
CB PLM O . 8.12 7.66 -8.21
CC PLM O . 7.40 8.84 -7.53
CD PLM O . 5.86 8.67 -7.60
CE PLM O . 5.08 9.74 -6.82
CF PLM O . 3.57 9.44 -6.82
CG PLM O . 2.74 10.52 -6.14
C1 PLM P . 1.95 -11.07 -4.58
O1 PLM P . 2.25 -12.25 -4.28
O2 PLM P . 1.06 -10.72 -5.37
C2 PLM P . 2.78 -9.97 -3.87
C3 PLM P . 4.20 -9.92 -4.48
C4 PLM P . 5.10 -8.88 -3.77
C5 PLM P . 6.21 -8.32 -4.70
C6 PLM P . 7.42 -7.75 -3.93
C7 PLM P . 8.44 -8.84 -3.58
C8 PLM P . 9.63 -8.30 -2.79
C9 PLM P . 10.75 -7.75 -3.70
CA PLM P . 11.88 -7.09 -2.86
CB PLM P . 13.18 -6.94 -3.68
CC PLM P . 14.25 -6.15 -2.90
CD PLM P . 15.53 -5.95 -3.76
CE PLM P . 16.52 -4.93 -3.14
CF PLM P . 17.60 -5.57 -2.25
CG PLM P . 18.28 -4.56 -1.32
C1 PLM Q . -1.81 -6.12 -4.87
O1 PLM Q . -1.93 -6.66 -3.73
O2 PLM Q . -2.52 -6.37 -5.86
C2 PLM Q . -0.68 -5.06 -5.00
C3 PLM Q . 0.68 -5.60 -4.49
C4 PLM Q . 1.82 -4.57 -4.76
C5 PLM Q . 3.17 -4.96 -4.14
C6 PLM Q . 4.27 -3.98 -4.59
C7 PLM Q . 5.62 -4.18 -3.88
C8 PLM Q . 6.63 -3.05 -4.22
C9 PLM Q . 8.08 -3.46 -3.85
CA PLM Q . 9.07 -2.28 -4.01
CB PLM Q . 10.53 -2.77 -3.96
CC PLM Q . 11.54 -1.59 -4.06
CD PLM Q . 13.01 -2.09 -4.10
CE PLM Q . 14.01 -0.92 -4.19
CF PLM Q . 15.49 -1.39 -4.28
CG PLM Q . 16.42 -0.28 -4.75
C1 PLM R . -2.47 5.08 -5.33
O1 PLM R . -3.57 4.61 -5.71
O2 PLM R . -2.34 6.05 -4.57
C2 PLM R . -1.20 4.40 -5.89
C3 PLM R . -0.53 3.49 -4.84
C4 PLM R . 0.83 2.92 -5.34
C5 PLM R . 2.02 3.90 -5.13
C6 PLM R . 3.30 3.39 -5.83
C7 PLM R . 4.54 4.25 -5.54
C8 PLM R . 5.19 3.90 -4.17
C9 PLM R . 6.56 4.58 -3.97
CA PLM R . 7.72 3.80 -4.64
CB PLM R . 9.12 4.30 -4.22
CC PLM R . 9.59 3.75 -2.86
CD PLM R . 10.25 2.34 -2.96
CE PLM R . 11.79 2.34 -2.80
CF PLM R . 12.52 2.62 -4.13
CG PLM R . 14.04 2.79 -3.96
C1 PLM S . -3.75 -8.98 -33.95
O1 PLM S . -3.62 -10.17 -33.49
O2 PLM S . -4.55 -8.13 -33.54
C2 PLM S . -2.80 -8.63 -35.12
C3 PLM S . -1.57 -7.87 -34.59
C4 PLM S . -0.71 -7.23 -35.72
C5 PLM S . 0.36 -6.28 -35.17
C6 PLM S . 1.09 -5.50 -36.31
C7 PLM S . 1.80 -4.26 -35.77
C8 PLM S . 2.58 -3.48 -36.85
C9 PLM S . 3.09 -2.14 -36.29
CA PLM S . 3.94 -1.34 -37.30
CB PLM S . 4.42 0.00 -36.69
CC PLM S . 5.36 0.79 -37.61
CD PLM S . 5.79 2.12 -36.95
CE PLM S . 6.80 2.92 -37.82
CF PLM S . 7.26 4.23 -37.12
CG PLM S . 8.49 4.03 -36.21
C1 PLM T . 2.91 -12.57 -39.17
O1 PLM T . 2.17 -12.22 -40.13
O2 PLM T . 4.07 -12.99 -39.26
C2 PLM T . 2.27 -12.44 -37.76
C3 PLM T . 3.11 -11.54 -36.83
C4 PLM T . 3.00 -10.02 -37.15
C5 PLM T . 4.11 -9.53 -38.10
C6 PLM T . 4.19 -7.98 -38.12
C7 PLM T . 5.41 -7.47 -38.92
C8 PLM T . 6.71 -7.54 -38.08
C9 PLM T . 7.96 -7.13 -38.88
CA PLM T . 8.21 -5.61 -38.85
CB PLM T . 9.59 -5.28 -39.45
CC PLM T . 10.03 -3.83 -39.13
CD PLM T . 11.35 -3.46 -39.83
CE PLM T . 12.59 -4.21 -39.27
CF PLM T . 13.88 -3.37 -39.39
CG PLM T . 14.00 -2.31 -38.30
C1 PLM U . -10.75 11.24 -21.23
O1 PLM U . -11.36 10.37 -20.54
O2 PLM U . -11.22 11.87 -22.19
C2 PLM U . -9.30 11.56 -20.79
C3 PLM U . -8.30 11.26 -21.94
C4 PLM U . -6.82 11.53 -21.52
C5 PLM U . -6.14 10.29 -20.89
C6 PLM U . -4.80 10.64 -20.19
C7 PLM U . -5.01 11.15 -18.74
C8 PLM U . -3.69 11.55 -18.05
C9 PLM U . -2.82 10.34 -17.66
CA PLM U . -1.74 10.70 -16.62
CB PLM U . -0.44 11.22 -17.28
CC PLM U . 0.51 11.87 -16.25
CD PLM U . 0.18 13.38 -16.05
CE PLM U . 0.83 13.93 -14.75
CF PLM U . 0.90 15.48 -14.76
CG PLM U . 1.66 16.01 -13.54
C1 PLM V . -9.07 9.47 -27.48
O1 PLM V . -9.80 8.73 -26.75
O2 PLM V . -9.13 9.57 -28.71
C2 PLM V . -8.02 10.32 -26.72
C3 PLM V . -6.91 9.40 -26.15
C4 PLM V . -5.78 10.21 -25.44
C5 PLM V . -4.78 9.30 -24.67
C6 PLM V . -3.66 10.12 -23.98
C7 PLM V . -2.83 9.27 -23.00
C8 PLM V . -1.65 8.51 -23.67
C9 PLM V . -0.29 9.19 -23.45
CA PLM V . 0.30 8.86 -22.06
CB PLM V . 1.79 9.27 -21.96
CC PLM V . 2.33 9.07 -20.52
CD PLM V . 3.87 9.10 -20.45
CE PLM V . 4.45 10.53 -20.46
CF PLM V . 6.00 10.52 -20.48
CG PLM V . 6.58 10.34 -21.88
#